data_8IRR
#
_entry.id   8IRR
#
loop_
_entity.id
_entity.type
_entity.pdbx_description
1 polymer 'Guanine nucleotide-binding protein G(s) subunit alpha isoforms short'
2 polymer 'Guanine nucleotide-binding protein G(I)/G(S)/G(T) subunit beta-1'
3 polymer 'Guanine nucleotide-binding protein G(I)/G(S)/G(O) subunit gamma-2'
4 polymer 'Nanoboy 35'
5 polymer 'D(1A) dopamine receptor'
6 non-polymer Rotigotine
7 non-polymer CHOLESTEROL
8 water water
#
loop_
_entity_poly.entity_id
_entity_poly.type
_entity_poly.pdbx_seq_one_letter_code
_entity_poly.pdbx_strand_id
1 'polypeptide(L)'
;MGCLGNSKTEDQRNEEKAQREANKMIEKQLQKDKQVYRATHRLLLLGADNSGKSTIVKQMRIYHVNSGIFETKFQVDKVN
FHMFDVGAQRDERRKWIQCFNDVTAIIFVVDSSDYNRLQEALNDFKSIWNNRWLRTISVILFLNKQDLLAEKVLAGKSKI
EDYFPEFARYTTPEDATPEPGEDPRVTRAKYFIRDEFLRISTASGDGRHYCYPHFTCSVDTENARRIFNDCRDIIQRMHL
RQYELL
;
A
2 'polypeptide(L)'
;HHHHHHHHMGSLLQSELDQLRQEAEQLKNQIRDARKACADATLSQITNNIDPVGRIQMRTRRTLRGHLAKIYAMHWGTDS
RLLVSASQDGKLIIWDSYTTNKVHAIPLRSSWVMTCAYAPSGNYVACGGLDNICSIYNLKTREGNVRVSRELAGHTGYLS
CCRFLDDNQIVTSSGDTTCALWDIETGQQTTTFTGHTGDVMSLSLAPDTRLFVSGACDASAKLWDVREGMCRQTFTGHES
DINAICFFPNGNAFATGSDDATCRLFDLRADQELMTYSHDNIICGITSVSFSKSGRLLLAGYDDFNCNVWDALKADRAGV
LAGHDNRVSCLGVTDDGMAVATGSWDSFLKIWN
;
B
3 'polypeptide(L)' ASNNTASIAQARKLVEQLKMEANIDRIKVSKAAADLMAYCEAHAKEDPLLTPVPASENPFREKKFFC G
4 'polypeptide(L)'
;MQVQLQESGGGLVQPGGSLRLSCAASGFTFSNYKMNWVRQAPGKGLEWVSDISQSGASISYTGSVKGRFTISRDNAKNTL
YLQMNSLKPEDTAVYYCARCPAPFTRDCFDVTSTTYAYRGQGTQVTVSSHHHHHH
;
N
5 'polypeptide(L)'
;DYKDDDDVDMGQPGNGSAFLLAPNGSHAPDHDVTQQRDEENLYFQGASMRTLNTSAMDGTGLVVERDFSVRILTACFLSL
LILSTLLGNTLVCAAVIRFRHLRSKVTNFFVISLAVSDLLVAVLVMPWKAVAEIAGFWPFGSFCNIWVAFDIMCSTASIL
NLCVISVDRYWAISSPFRYERKMTPKAAFILISVAWTLSVLISFIPVQLSWHKAKPTSPSDGNATSLAETIDNCDSSLSR
TYAISSSVISFYIPVAIMIVTYTRIYRIAQKQIRRIAALERAAVHAKNCQTTTGNGKPVECSQPESSFKMSFKRETKVLK
TLSVIMGVFVCCWLPFFILNCILPFCGSGETQPFCIDSNTFDVFVWFGWANSSLNPIIYAFNADFRKAFSTLLGCYRLCP
ATNNAIETVSINNNGAAMFSSHHEPRGSISKECNLVYLIPHAVGSSEDLKKEEAAGIARPLEKLSPALSVILDYDTDVSL
EKIQPITQNGQHPTHHHHHHHH
;
R
#
# COMPACT_ATOMS: atom_id res chain seq x y z
N THR A 9 -10.69 40.34 -20.76
CA THR A 9 -10.47 39.14 -19.92
C THR A 9 -10.42 39.46 -18.42
N GLU A 10 -10.75 40.69 -18.02
CA GLU A 10 -10.68 41.12 -16.61
C GLU A 10 -11.68 40.37 -15.71
N ASP A 11 -12.82 39.96 -16.27
CA ASP A 11 -13.77 39.04 -15.63
C ASP A 11 -13.11 37.70 -15.26
N GLN A 12 -12.32 37.11 -16.16
CA GLN A 12 -11.49 35.96 -15.83
C GLN A 12 -10.42 36.34 -14.82
N ARG A 13 -9.70 37.46 -15.00
CA ARG A 13 -8.59 37.85 -14.11
C ARG A 13 -9.04 38.01 -12.65
N ASN A 14 -10.24 38.54 -12.43
CA ASN A 14 -10.85 38.63 -11.11
C ASN A 14 -11.07 37.24 -10.46
N GLU A 15 -11.61 36.28 -11.22
CA GLU A 15 -11.79 34.92 -10.72
C GLU A 15 -10.47 34.16 -10.56
N GLU A 16 -9.50 34.35 -11.45
CA GLU A 16 -8.16 33.80 -11.30
C GLU A 16 -7.52 34.32 -10.02
N LYS A 17 -7.58 35.63 -9.75
CA LYS A 17 -7.07 36.21 -8.50
C LYS A 17 -7.75 35.61 -7.28
N ALA A 18 -9.07 35.45 -7.31
CA ALA A 18 -9.81 34.81 -6.23
C ALA A 18 -9.37 33.34 -5.98
N GLN A 19 -9.24 32.54 -7.05
CA GLN A 19 -8.74 31.17 -6.92
C GLN A 19 -7.28 31.11 -6.46
N ARG A 20 -6.41 32.00 -6.95
CA ARG A 20 -4.99 32.06 -6.57
C ARG A 20 -4.83 32.37 -5.08
N GLU A 21 -5.56 33.36 -4.57
CA GLU A 21 -5.57 33.67 -3.13
C GLU A 21 -6.11 32.50 -2.30
N ALA A 22 -7.21 31.86 -2.75
CA ALA A 22 -7.76 30.69 -2.07
C ALA A 22 -6.74 29.54 -2.02
N ASN A 23 -6.14 29.20 -3.17
CA ASN A 23 -5.14 28.15 -3.29
C ASN A 23 -3.95 28.43 -2.37
N LYS A 24 -3.37 29.63 -2.39
CA LYS A 24 -2.21 29.97 -1.56
C LYS A 24 -2.53 29.91 -0.06
N MET A 25 -3.74 30.31 0.37
CA MET A 25 -4.17 30.16 1.76
C MET A 25 -4.31 28.69 2.16
N ILE A 26 -4.92 27.88 1.29
CA ILE A 26 -5.08 26.44 1.51
C ILE A 26 -3.70 25.75 1.59
N GLU A 27 -2.76 26.09 0.72
CA GLU A 27 -1.39 25.58 0.77
C GLU A 27 -0.65 25.95 2.05
N LYS A 28 -0.87 27.16 2.60
CA LYS A 28 -0.34 27.53 3.92
C LYS A 28 -0.92 26.66 5.03
N GLN A 29 -2.21 26.37 5.01
CA GLN A 29 -2.84 25.47 5.98
C GLN A 29 -2.31 24.04 5.83
N LEU A 30 -2.30 23.50 4.61
CA LEU A 30 -1.80 22.16 4.31
C LEU A 30 -0.33 22.00 4.68
N GLN A 31 0.50 23.03 4.57
CA GLN A 31 1.87 22.97 5.09
C GLN A 31 1.91 22.81 6.61
N LYS A 32 1.14 23.58 7.39
CA LYS A 32 1.12 23.40 8.85
C LYS A 32 0.56 22.03 9.25
N ASP A 33 -0.45 21.54 8.54
CA ASP A 33 -1.02 20.21 8.77
C ASP A 33 -0.10 19.06 8.34
N LYS A 34 0.75 19.27 7.32
CA LYS A 34 1.84 18.35 6.97
C LYS A 34 2.82 18.17 8.11
N GLN A 35 3.13 19.23 8.86
CA GLN A 35 3.99 19.10 10.04
C GLN A 35 3.30 18.30 11.15
N VAL A 36 2.03 18.56 11.46
CA VAL A 36 1.29 17.79 12.47
C VAL A 36 1.16 16.31 12.09
N TYR A 37 0.86 16.01 10.83
CA TYR A 37 0.77 14.64 10.33
C TYR A 37 2.10 13.90 10.46
N ARG A 38 3.19 14.46 9.92
CA ARG A 38 4.53 13.84 9.96
C ARG A 38 5.10 13.71 11.37
N ALA A 39 4.77 14.64 12.27
CA ALA A 39 5.21 14.54 13.66
C ALA A 39 4.56 13.39 14.45
N THR A 40 3.44 12.86 13.96
CA THR A 40 2.58 11.94 14.71
C THR A 40 2.74 10.52 14.20
N HIS A 41 3.09 9.60 15.09
CA HIS A 41 3.20 8.17 14.80
C HIS A 41 1.85 7.49 14.99
N ARG A 42 1.12 7.26 13.91
CA ARG A 42 -0.13 6.50 13.91
C ARG A 42 0.16 5.02 14.21
N LEU A 43 -0.59 4.42 15.11
CA LEU A 43 -0.53 3.01 15.49
C LEU A 43 -1.92 2.37 15.37
N LEU A 44 -2.03 1.12 14.92
CA LEU A 44 -3.29 0.35 15.00
C LEU A 44 -3.18 -0.65 16.14
N LEU A 45 -4.17 -0.72 17.01
CA LEU A 45 -4.21 -1.63 18.16
C LEU A 45 -5.19 -2.79 17.89
N LEU A 46 -4.74 -4.04 18.06
CA LEU A 46 -5.49 -5.26 17.77
C LEU A 46 -5.42 -6.27 18.92
N GLY A 47 -6.38 -7.18 18.96
CA GLY A 47 -6.45 -8.30 19.90
C GLY A 47 -7.86 -8.85 20.04
N ALA A 48 -7.99 -10.08 20.57
CA ALA A 48 -9.28 -10.67 20.91
C ALA A 48 -10.00 -9.89 22.03
N ASP A 49 -11.28 -10.17 22.27
CA ASP A 49 -12.02 -9.60 23.41
C ASP A 49 -11.40 -9.92 24.78
N ASN A 50 -10.72 -11.06 24.90
CA ASN A 50 -9.97 -11.44 26.12
C ASN A 50 -8.63 -10.72 26.28
N SER A 51 -8.07 -10.15 25.21
CA SER A 51 -6.81 -9.41 25.25
C SER A 51 -7.01 -8.06 25.94
N GLY A 52 -6.19 -7.73 26.93
CA GLY A 52 -6.27 -6.47 27.67
C GLY A 52 -5.81 -5.23 26.91
N LYS A 53 -6.14 -5.08 25.62
CA LYS A 53 -5.68 -3.96 24.79
C LYS A 53 -6.08 -2.59 25.33
N SER A 54 -7.22 -2.52 26.04
CA SER A 54 -7.69 -1.32 26.73
C SER A 54 -6.79 -0.84 27.88
N THR A 55 -5.79 -1.62 28.32
CA THR A 55 -4.91 -1.30 29.46
C THR A 55 -3.41 -1.41 29.15
N ILE A 56 -3.02 -1.53 27.88
CA ILE A 56 -1.62 -1.62 27.45
C ILE A 56 -0.88 -0.30 27.70
N VAL A 57 -1.30 0.78 27.05
CA VAL A 57 -0.95 2.16 27.44
C VAL A 57 -1.87 2.59 28.58
N LYS A 58 -1.41 3.45 29.50
CA LYS A 58 -2.19 3.88 30.69
C LYS A 58 -3.25 4.95 30.40
N ILE A 69 -14.08 3.84 15.55
CA ILE A 69 -12.72 3.90 16.08
C ILE A 69 -12.75 4.47 17.50
N PHE A 70 -11.83 4.03 18.35
CA PHE A 70 -11.46 4.66 19.62
C PHE A 70 -9.98 5.08 19.54
N GLU A 71 -9.60 6.16 20.21
CA GLU A 71 -8.30 6.82 20.03
C GLU A 71 -7.55 6.92 21.35
N THR A 72 -6.24 6.97 21.32
CA THR A 72 -5.39 7.14 22.51
C THR A 72 -4.12 7.84 22.09
N LYS A 73 -3.97 9.11 22.48
CA LYS A 73 -2.78 9.90 22.20
C LYS A 73 -1.87 9.85 23.41
N PHE A 74 -0.60 9.59 23.21
CA PHE A 74 0.41 9.66 24.25
C PHE A 74 1.70 10.20 23.66
N GLN A 75 2.58 10.75 24.49
CA GLN A 75 3.87 11.23 24.05
C GLN A 75 4.98 10.70 24.94
N VAL A 76 6.09 10.33 24.31
CA VAL A 76 7.29 9.84 24.98
C VAL A 76 8.46 10.60 24.40
N ASP A 77 9.31 11.18 25.24
CA ASP A 77 10.50 11.93 24.84
C ASP A 77 10.22 12.96 23.72
N LYS A 78 9.09 13.66 23.82
CA LYS A 78 8.56 14.65 22.86
C LYS A 78 8.14 14.09 21.50
N VAL A 79 7.89 12.78 21.40
CA VAL A 79 7.36 12.10 20.20
C VAL A 79 5.89 11.76 20.41
N ASN A 80 5.00 12.18 19.50
CA ASN A 80 3.57 11.93 19.60
C ASN A 80 3.16 10.60 18.96
N PHE A 81 2.61 9.68 19.75
CA PHE A 81 1.98 8.44 19.30
C PHE A 81 0.48 8.59 19.37
N HIS A 82 -0.19 8.26 18.24
CA HIS A 82 -1.65 8.33 18.15
C HIS A 82 -2.09 6.92 17.84
N MET A 83 -2.80 6.28 18.76
CA MET A 83 -3.13 4.86 18.67
C MET A 83 -4.63 4.65 18.49
N PHE A 84 -5.00 3.95 17.43
CA PHE A 84 -6.37 3.69 17.02
C PHE A 84 -6.76 2.26 17.30
N ASP A 85 -7.90 2.05 17.91
CA ASP A 85 -8.55 0.75 18.05
C ASP A 85 -9.85 0.76 17.25
N VAL A 86 -9.99 -0.06 16.20
CA VAL A 86 -11.27 -0.18 15.49
C VAL A 86 -12.20 -1.05 16.33
N GLY A 87 -13.05 -0.40 17.11
CA GLY A 87 -13.90 -1.04 18.11
C GLY A 87 -15.22 -1.53 17.54
N ALA A 88 -16.11 -0.61 17.22
CA ALA A 88 -17.52 -0.88 16.96
C ALA A 88 -17.82 -1.33 15.50
N GLN A 89 -17.16 -2.39 15.03
CA GLN A 89 -17.34 -2.95 13.68
C GLN A 89 -17.43 -4.48 13.67
N ARG A 90 -17.89 -5.04 12.54
CA ARG A 90 -18.09 -6.49 12.33
C ARG A 90 -16.83 -7.33 12.45
N ASP A 91 -17.02 -8.63 12.68
CA ASP A 91 -15.94 -9.60 12.90
C ASP A 91 -15.10 -9.85 11.64
N GLU A 92 -15.70 -9.86 10.46
CA GLU A 92 -14.95 -9.87 9.20
C GLU A 92 -14.33 -8.51 8.88
N ARG A 93 -13.03 -8.48 8.61
CA ARG A 93 -12.17 -7.28 8.60
C ARG A 93 -11.42 -6.99 7.31
N ARG A 94 -11.42 -7.88 6.31
CA ARG A 94 -10.49 -7.78 5.18
C ARG A 94 -10.54 -6.49 4.37
N LYS A 95 -11.64 -5.73 4.40
CA LYS A 95 -11.75 -4.41 3.75
C LYS A 95 -11.39 -3.25 4.66
N TRP A 96 -11.95 -3.13 5.86
CA TRP A 96 -11.63 -2.02 6.74
C TRP A 96 -10.16 -2.03 7.19
N ILE A 97 -9.51 -3.19 7.32
CA ILE A 97 -8.10 -3.28 7.73
C ILE A 97 -7.15 -2.59 6.74
N GLN A 98 -7.54 -2.44 5.48
CA GLN A 98 -6.73 -1.81 4.43
C GLN A 98 -6.49 -0.32 4.67
N CYS A 99 -7.31 0.32 5.50
CA CYS A 99 -7.09 1.70 5.91
C CYS A 99 -5.77 1.88 6.62
N PHE A 100 -5.23 0.83 7.24
CA PHE A 100 -4.06 0.91 8.07
C PHE A 100 -2.77 0.51 7.36
N ASN A 101 -2.74 0.47 6.02
CA ASN A 101 -1.53 0.09 5.26
C ASN A 101 -0.32 1.03 5.48
N ASP A 102 -0.52 2.19 6.11
CA ASP A 102 0.45 3.26 6.28
C ASP A 102 0.71 3.59 7.77
N VAL A 103 0.17 2.85 8.74
CA VAL A 103 0.53 3.05 10.15
C VAL A 103 1.99 2.69 10.40
N THR A 104 2.59 3.24 11.45
CA THR A 104 4.01 3.01 11.76
C THR A 104 4.25 1.63 12.37
N ALA A 105 3.33 1.15 13.18
CA ALA A 105 3.30 -0.21 13.69
C ALA A 105 1.86 -0.67 13.87
N ILE A 106 1.67 -1.98 13.96
CA ILE A 106 0.49 -2.58 14.55
C ILE A 106 0.88 -3.04 15.94
N ILE A 107 0.14 -2.65 16.97
CA ILE A 107 0.27 -3.25 18.30
C ILE A 107 -0.72 -4.39 18.37
N PHE A 108 -0.24 -5.60 18.66
CA PHE A 108 -1.02 -6.82 18.67
C PHE A 108 -0.99 -7.42 20.07
N VAL A 109 -2.14 -7.56 20.71
CA VAL A 109 -2.24 -7.91 22.11
C VAL A 109 -2.86 -9.30 22.28
N VAL A 110 -2.24 -10.17 23.08
CA VAL A 110 -2.65 -11.57 23.25
C VAL A 110 -2.81 -11.90 24.73
N ASP A 111 -3.95 -12.44 25.13
CA ASP A 111 -4.12 -12.98 26.48
C ASP A 111 -3.48 -14.37 26.57
N SER A 112 -2.46 -14.53 27.41
CA SER A 112 -1.79 -15.83 27.61
C SER A 112 -2.66 -16.77 28.45
N SER A 113 -3.02 -17.93 27.89
CA SER A 113 -4.03 -18.83 28.48
C SER A 113 -3.53 -20.28 28.57
N ASN A 116 -9.00 -23.03 23.81
CA ASN A 116 -7.90 -22.12 24.16
C ASN A 116 -7.69 -21.10 23.03
N ARG A 117 -7.84 -19.81 23.34
CA ARG A 117 -7.85 -18.75 22.33
C ARG A 117 -6.49 -18.44 21.72
N LEU A 118 -5.40 -19.01 22.23
CA LEU A 118 -4.06 -18.84 21.64
C LEU A 118 -4.02 -19.20 20.16
N GLN A 119 -4.69 -20.25 19.71
CA GLN A 119 -4.71 -20.57 18.28
C GLN A 119 -5.50 -19.52 17.47
N GLU A 120 -6.57 -18.95 18.02
CA GLU A 120 -7.29 -17.85 17.36
C GLU A 120 -6.38 -16.63 17.20
N ALA A 121 -5.60 -16.31 18.23
CA ALA A 121 -4.63 -15.24 18.21
C ALA A 121 -3.54 -15.48 17.16
N LEU A 122 -3.00 -16.70 17.07
CA LEU A 122 -2.01 -17.06 16.05
C LEU A 122 -2.57 -16.99 14.63
N ASN A 123 -3.78 -17.47 14.37
CA ASN A 123 -4.39 -17.35 13.04
C ASN A 123 -4.68 -15.89 12.66
N ASP A 124 -5.11 -15.06 13.62
CA ASP A 124 -5.29 -13.63 13.40
C ASP A 124 -3.95 -12.96 13.09
N PHE A 125 -2.91 -13.24 13.89
CA PHE A 125 -1.56 -12.72 13.67
C PHE A 125 -1.04 -13.10 12.28
N LYS A 126 -1.14 -14.37 11.90
CA LYS A 126 -0.77 -14.86 10.58
C LYS A 126 -1.47 -14.10 9.46
N SER A 127 -2.77 -13.85 9.57
CA SER A 127 -3.50 -13.13 8.53
C SER A 127 -3.14 -11.64 8.46
N ILE A 128 -2.94 -10.97 9.59
CA ILE A 128 -2.39 -9.61 9.65
C ILE A 128 -1.00 -9.57 9.01
N TRP A 129 -0.13 -10.51 9.35
CA TRP A 129 1.25 -10.57 8.88
C TRP A 129 1.36 -10.77 7.37
N ASN A 130 0.61 -11.71 6.80
CA ASN A 130 0.71 -12.07 5.39
C ASN A 130 -0.17 -11.24 4.43
N ASN A 131 -0.94 -10.27 4.90
CA ASN A 131 -1.82 -9.50 4.02
C ASN A 131 -1.04 -8.60 3.04
N ARG A 132 -1.51 -8.49 1.78
CA ARG A 132 -0.86 -7.72 0.71
C ARG A 132 -0.58 -6.25 1.08
N TRP A 133 -1.44 -5.65 1.88
CA TRP A 133 -1.36 -4.24 2.23
C TRP A 133 -0.66 -3.99 3.56
N LEU A 134 -0.50 -5.01 4.40
CA LEU A 134 0.22 -4.92 5.67
C LEU A 134 1.67 -5.46 5.62
N ARG A 135 2.17 -5.90 4.46
CA ARG A 135 3.53 -6.44 4.24
C ARG A 135 4.68 -5.56 4.74
N THR A 136 4.47 -4.26 4.86
CA THR A 136 5.52 -3.29 5.20
C THR A 136 5.47 -2.85 6.66
N ILE A 137 4.51 -3.33 7.46
CA ILE A 137 4.23 -2.80 8.80
C ILE A 137 4.72 -3.77 9.86
N SER A 138 5.60 -3.31 10.74
CA SER A 138 6.06 -4.14 11.85
C SER A 138 4.99 -4.30 12.92
N VAL A 139 5.03 -5.42 13.63
CA VAL A 139 4.08 -5.73 14.70
C VAL A 139 4.79 -5.66 16.04
N ILE A 140 4.26 -4.89 16.97
CA ILE A 140 4.67 -4.91 18.37
C ILE A 140 3.73 -5.87 19.07
N LEU A 141 4.23 -6.98 19.57
CA LEU A 141 3.42 -8.08 20.10
C LEU A 141 3.48 -8.06 21.62
N PHE A 142 2.39 -7.64 22.27
CA PHE A 142 2.26 -7.73 23.73
C PHE A 142 1.59 -9.04 24.12
N LEU A 143 2.36 -9.94 24.71
CA LEU A 143 1.88 -11.16 25.32
C LEU A 143 1.48 -10.83 26.75
N ASN A 144 0.22 -10.47 26.93
CA ASN A 144 -0.33 -9.93 28.17
C ASN A 144 -0.73 -11.05 29.15
N LYS A 145 -1.07 -10.65 30.37
CA LYS A 145 -1.58 -11.48 31.49
C LYS A 145 -0.58 -12.57 31.91
N GLN A 146 0.71 -12.26 31.90
CA GLN A 146 1.76 -13.22 32.25
C GLN A 146 1.72 -13.68 33.71
N ASP A 147 1.16 -12.89 34.61
CA ASP A 147 0.82 -13.27 35.98
C ASP A 147 -0.22 -14.40 36.01
N LEU A 148 -1.27 -14.32 35.20
CA LEU A 148 -2.24 -15.41 35.04
C LEU A 148 -1.57 -16.62 34.41
N LEU A 149 -0.73 -16.46 33.38
CA LEU A 149 0.02 -17.61 32.82
C LEU A 149 0.88 -18.27 33.90
N ALA A 150 1.59 -17.48 34.70
CA ALA A 150 2.47 -17.99 35.75
C ALA A 150 1.70 -18.83 36.77
N GLU A 151 0.67 -18.28 37.41
CA GLU A 151 -0.07 -19.03 38.42
C GLU A 151 -0.75 -20.26 37.82
N LYS A 152 -1.26 -20.18 36.58
CA LYS A 152 -1.92 -21.28 35.87
C LYS A 152 -0.95 -22.27 35.20
N VAL A 153 0.35 -22.19 35.46
CA VAL A 153 1.29 -23.32 35.26
C VAL A 153 2.02 -23.74 36.54
N LEU A 154 2.12 -22.86 37.54
CA LEU A 154 2.52 -23.22 38.90
C LEU A 154 1.48 -24.14 39.58
N ALA A 155 0.21 -23.99 39.17
CA ALA A 155 -0.90 -24.89 39.49
C ALA A 155 -1.66 -25.25 38.22
N GLY A 156 -2.45 -26.33 38.26
CA GLY A 156 -3.25 -26.83 37.14
C GLY A 156 -2.55 -27.89 36.26
N LYS A 157 -3.34 -28.58 35.44
CA LYS A 157 -3.03 -29.90 34.85
C LYS A 157 -2.24 -29.89 33.53
N SER A 158 -1.25 -29.00 33.43
CA SER A 158 -0.30 -28.82 32.30
C SER A 158 -0.93 -28.77 30.89
N LYS A 159 -2.17 -28.26 30.77
CA LYS A 159 -3.02 -28.35 29.58
C LYS A 159 -2.43 -27.71 28.31
N ILE A 160 -1.42 -26.85 28.42
CA ILE A 160 -0.63 -26.35 27.28
C ILE A 160 -0.06 -27.48 26.41
N GLU A 161 0.31 -28.61 27.00
CA GLU A 161 0.73 -29.82 26.28
C GLU A 161 -0.39 -30.43 25.41
N ASP A 162 -1.65 -30.25 25.81
CA ASP A 162 -2.82 -30.79 25.12
C ASP A 162 -3.30 -29.86 24.00
N TYR A 163 -3.17 -28.54 24.18
CA TYR A 163 -3.45 -27.57 23.13
C TYR A 163 -2.33 -27.49 22.08
N PHE A 164 -1.07 -27.66 22.49
CA PHE A 164 0.10 -27.60 21.63
C PHE A 164 1.04 -28.78 21.90
N PRO A 165 1.01 -29.85 21.09
CA PRO A 165 1.77 -31.06 21.37
C PRO A 165 3.30 -30.84 21.30
N GLU A 166 3.74 -29.86 20.51
CA GLU A 166 5.16 -29.49 20.40
C GLU A 166 5.75 -28.98 21.71
N PHE A 167 4.93 -28.60 22.70
CA PHE A 167 5.41 -28.27 24.05
C PHE A 167 5.98 -29.48 24.82
N ALA A 168 5.93 -30.69 24.26
CA ALA A 168 6.76 -31.80 24.73
C ALA A 168 8.23 -31.68 24.24
N ARG A 169 8.44 -31.37 22.96
CA ARG A 169 9.76 -31.31 22.31
C ARG A 169 10.49 -29.98 22.48
N TYR A 170 9.78 -28.90 22.73
CA TYR A 170 10.35 -27.58 23.00
C TYR A 170 11.15 -27.53 24.33
N THR A 171 12.18 -26.67 24.39
CA THR A 171 12.91 -26.29 25.62
C THR A 171 13.32 -24.82 25.54
N THR A 172 13.57 -24.15 26.66
CA THR A 172 13.85 -22.70 26.66
C THR A 172 15.03 -22.32 25.76
N PRO A 173 14.98 -21.17 25.07
CA PRO A 173 16.16 -20.55 24.49
C PRO A 173 17.20 -20.27 25.58
N GLU A 174 18.49 -20.40 25.26
CA GLU A 174 19.57 -20.04 26.21
C GLU A 174 19.76 -18.52 26.31
N ASP A 175 19.26 -17.75 25.34
CA ASP A 175 19.17 -16.28 25.37
C ASP A 175 17.87 -15.75 26.01
N ALA A 176 17.01 -16.63 26.53
CA ALA A 176 15.83 -16.24 27.30
C ALA A 176 16.22 -15.60 28.64
N THR A 177 15.62 -14.46 28.97
CA THR A 177 15.81 -13.79 30.26
C THR A 177 14.61 -14.04 31.17
N PRO A 178 14.77 -14.73 32.31
CA PRO A 178 13.74 -14.83 33.33
C PRO A 178 13.67 -13.53 34.15
N GLU A 179 12.48 -13.13 34.59
CA GLU A 179 12.36 -12.13 35.66
C GLU A 179 12.71 -12.75 37.03
N PRO A 180 13.22 -11.97 38.01
CA PRO A 180 13.68 -12.50 39.29
C PRO A 180 12.61 -13.31 40.01
N GLY A 181 12.94 -14.57 40.33
CA GLY A 181 12.08 -15.49 41.06
C GLY A 181 11.02 -16.24 40.24
N GLU A 182 10.91 -16.07 38.92
CA GLU A 182 9.99 -16.92 38.13
C GLU A 182 10.50 -18.36 38.05
N ASP A 183 9.60 -19.34 38.20
CA ASP A 183 9.95 -20.77 38.09
C ASP A 183 10.29 -21.18 36.63
N PRO A 184 11.23 -22.10 36.39
CA PRO A 184 11.57 -22.55 35.05
C PRO A 184 10.38 -23.02 34.20
N ARG A 185 9.31 -23.57 34.79
CA ARG A 185 8.07 -23.92 34.07
C ARG A 185 7.36 -22.69 33.52
N VAL A 186 7.34 -21.60 34.29
CA VAL A 186 6.82 -20.30 33.82
C VAL A 186 7.68 -19.80 32.66
N THR A 187 9.01 -19.84 32.78
CA THR A 187 9.92 -19.43 31.69
C THR A 187 9.66 -20.27 30.44
N ARG A 188 9.54 -21.59 30.60
CA ARG A 188 9.27 -22.53 29.51
C ARG A 188 7.96 -22.17 28.78
N ALA A 189 6.88 -21.96 29.52
CA ALA A 189 5.58 -21.58 28.97
C ALA A 189 5.59 -20.19 28.31
N LYS A 190 6.17 -19.18 28.97
CA LYS A 190 6.35 -17.81 28.42
C LYS A 190 7.02 -17.86 27.06
N TYR A 191 8.25 -18.38 27.03
CA TYR A 191 9.05 -18.35 25.83
C TYR A 191 8.52 -19.30 24.75
N PHE A 192 7.76 -20.35 25.10
CA PHE A 192 7.10 -21.17 24.08
C PHE A 192 6.05 -20.37 23.32
N ILE A 193 5.11 -19.74 24.04
CA ILE A 193 4.03 -18.96 23.45
C ILE A 193 4.62 -17.84 22.61
N ARG A 194 5.62 -17.13 23.14
CA ARG A 194 6.38 -16.09 22.44
C ARG A 194 6.95 -16.62 21.12
N ASP A 195 7.65 -17.74 21.16
CA ASP A 195 8.29 -18.29 19.98
C ASP A 195 7.29 -18.74 18.91
N GLU A 196 6.03 -19.01 19.21
CA GLU A 196 5.08 -19.35 18.15
C GLU A 196 4.81 -18.15 17.23
N PHE A 197 4.61 -16.96 17.79
CA PHE A 197 4.50 -15.75 16.97
C PHE A 197 5.82 -15.43 16.24
N LEU A 198 6.98 -15.75 16.83
CA LEU A 198 8.25 -15.65 16.11
C LEU A 198 8.35 -16.63 14.95
N ARG A 199 7.84 -17.86 15.08
CA ARG A 199 7.74 -18.79 13.95
C ARG A 199 6.89 -18.21 12.84
N ILE A 200 5.73 -17.64 13.16
CA ILE A 200 4.84 -17.06 12.14
C ILE A 200 5.50 -15.87 11.45
N SER A 201 6.07 -14.92 12.21
CA SER A 201 6.68 -13.72 11.65
C SER A 201 7.98 -13.97 10.88
N THR A 202 8.84 -14.87 11.34
CA THR A 202 10.10 -15.20 10.67
C THR A 202 9.90 -15.88 9.31
N ALA A 203 8.81 -16.61 9.12
CA ALA A 203 8.55 -17.39 7.91
C ALA A 203 8.44 -16.55 6.61
N SER A 204 8.14 -15.25 6.70
CA SER A 204 7.94 -14.39 5.53
C SER A 204 8.31 -12.90 5.70
N GLY A 205 9.05 -12.52 6.74
CA GLY A 205 9.31 -11.12 7.06
C GLY A 205 10.07 -10.33 5.98
N ASP A 206 10.91 -11.03 5.21
CA ASP A 206 11.59 -10.52 4.00
C ASP A 206 12.48 -9.30 4.25
N GLY A 207 12.81 -9.03 5.52
CA GLY A 207 13.44 -7.79 5.99
C GLY A 207 12.57 -6.54 5.88
N ARG A 208 11.35 -6.65 5.33
CA ARG A 208 10.44 -5.52 5.10
C ARG A 208 9.71 -5.08 6.37
N HIS A 209 9.49 -6.01 7.29
CA HIS A 209 8.80 -5.81 8.56
C HIS A 209 9.22 -6.85 9.59
N TYR A 210 9.14 -6.51 10.87
CA TYR A 210 9.65 -7.29 12.00
C TYR A 210 8.61 -7.40 13.12
N CYS A 211 8.74 -8.42 13.96
CA CYS A 211 7.89 -8.61 15.13
C CYS A 211 8.69 -8.29 16.40
N TYR A 212 8.15 -7.45 17.28
CA TYR A 212 8.77 -7.02 18.53
C TYR A 212 8.01 -7.60 19.72
N PRO A 213 8.38 -8.76 20.24
CA PRO A 213 7.69 -9.39 21.35
C PRO A 213 8.01 -8.71 22.67
N HIS A 214 7.01 -8.53 23.53
CA HIS A 214 7.20 -8.21 24.94
C HIS A 214 6.25 -9.00 25.82
N PHE A 215 6.76 -9.51 26.92
CA PHE A 215 5.96 -10.02 28.02
C PHE A 215 5.37 -8.86 28.84
N THR A 216 4.11 -8.95 29.24
CA THR A 216 3.49 -7.92 30.08
C THR A 216 2.33 -8.45 30.92
N CYS A 217 1.96 -7.72 31.96
CA CYS A 217 0.74 -7.92 32.74
C CYS A 217 0.10 -6.57 33.05
N SER A 218 -1.17 -6.57 33.44
CA SER A 218 -2.02 -5.37 33.43
C SER A 218 -1.54 -4.21 34.32
N VAL A 219 -0.69 -4.47 35.31
CA VAL A 219 -0.07 -3.46 36.19
C VAL A 219 1.12 -2.70 35.58
N ASP A 220 1.67 -3.13 34.43
CA ASP A 220 2.87 -2.51 33.85
C ASP A 220 2.63 -1.08 33.34
N THR A 221 3.45 -0.12 33.80
CA THR A 221 3.56 1.21 33.17
C THR A 221 4.58 1.25 32.02
N GLU A 222 5.60 0.38 32.07
CA GLU A 222 6.72 0.39 31.12
C GLU A 222 6.33 0.10 29.66
N ASN A 223 5.12 -0.36 29.38
CA ASN A 223 4.64 -0.59 28.01
C ASN A 223 4.70 0.68 27.15
N ALA A 224 4.54 1.85 27.75
CA ALA A 224 4.54 3.12 27.00
C ALA A 224 5.96 3.41 26.48
N ARG A 225 7.00 3.14 27.29
CA ARG A 225 8.41 3.12 26.86
C ARG A 225 8.64 2.07 25.79
N ARG A 226 8.13 0.85 25.96
CA ARG A 226 8.34 -0.25 25.02
C ARG A 226 7.85 0.09 23.62
N ILE A 227 6.69 0.71 23.46
CA ILE A 227 6.20 1.15 22.14
C ILE A 227 7.14 2.18 21.51
N PHE A 228 7.64 3.15 22.28
CA PHE A 228 8.62 4.12 21.79
C PHE A 228 9.93 3.45 21.36
N ASN A 229 10.48 2.56 22.17
CA ASN A 229 11.69 1.81 21.83
C ASN A 229 11.54 1.01 20.53
N ASP A 230 10.41 0.34 20.35
CA ASP A 230 10.16 -0.40 19.13
C ASP A 230 9.91 0.51 17.94
N CYS A 231 9.25 1.66 18.09
CA CYS A 231 9.17 2.61 16.99
C CYS A 231 10.53 3.19 16.58
N ARG A 232 11.48 3.40 17.51
CA ARG A 232 12.86 3.68 17.12
C ARG A 232 13.40 2.56 16.26
N ASP A 233 13.30 1.32 16.71
CA ASP A 233 13.82 0.18 15.97
C ASP A 233 13.18 0.01 14.60
N ILE A 234 11.88 0.24 14.46
CA ILE A 234 11.18 0.19 13.19
C ILE A 234 11.74 1.22 12.23
N ILE A 235 11.93 2.45 12.69
CA ILE A 235 12.40 3.52 11.81
C ILE A 235 13.90 3.42 11.55
N GLN A 236 14.71 2.99 12.53
CA GLN A 236 16.10 2.60 12.29
C GLN A 236 16.20 1.51 11.24
N ARG A 237 15.52 0.37 11.41
CA ARG A 237 15.58 -0.73 10.45
C ARG A 237 15.08 -0.29 9.08
N MET A 238 14.09 0.59 9.01
CA MET A 238 13.64 1.20 7.75
C MET A 238 14.74 2.02 7.08
N HIS A 239 15.46 2.86 7.82
CA HIS A 239 16.60 3.61 7.27
C HIS A 239 17.79 2.72 6.91
N LEU A 240 18.13 1.73 7.73
CA LEU A 240 19.16 0.75 7.39
C LEU A 240 18.80 -0.03 6.11
N ARG A 241 17.54 -0.44 5.89
CA ARG A 241 17.10 -1.06 4.63
C ARG A 241 17.22 -0.10 3.46
N GLN A 242 16.86 1.16 3.65
CA GLN A 242 16.92 2.19 2.60
C GLN A 242 18.33 2.43 2.09
N TYR A 243 19.33 2.40 2.96
CA TYR A 243 20.74 2.53 2.60
C TYR A 243 21.45 1.20 2.35
N GLU A 244 20.72 0.09 2.22
CA GLU A 244 21.26 -1.25 1.96
C GLU A 244 22.28 -1.74 3.01
N LEU A 245 21.99 -1.44 4.27
CA LEU A 245 22.68 -1.94 5.47
C LEU A 245 21.87 -3.03 6.19
N LEU A 246 20.71 -3.43 5.66
CA LEU A 246 19.90 -4.62 6.01
C LEU A 246 19.30 -5.27 4.74
N GLU B 16 -37.29 -27.93 9.29
CA GLU B 16 -37.82 -26.97 8.31
C GLU B 16 -36.72 -26.13 7.64
N LEU B 17 -35.60 -25.88 8.33
CA LEU B 17 -34.45 -25.14 7.78
C LEU B 17 -33.89 -25.83 6.53
N ASP B 18 -33.78 -27.16 6.53
CA ASP B 18 -33.41 -27.93 5.34
C ASP B 18 -34.47 -27.86 4.23
N GLN B 19 -35.76 -27.76 4.55
CA GLN B 19 -36.81 -27.64 3.54
C GLN B 19 -36.81 -26.27 2.87
N LEU B 20 -36.64 -25.20 3.64
CA LEU B 20 -36.48 -23.84 3.10
C LEU B 20 -35.17 -23.71 2.31
N ARG B 21 -34.05 -24.26 2.81
CA ARG B 21 -32.80 -24.27 2.04
C ARG B 21 -32.93 -25.07 0.74
N GLN B 22 -33.62 -26.21 0.76
CA GLN B 22 -33.89 -26.98 -0.46
C GLN B 22 -34.81 -26.24 -1.43
N GLU B 23 -35.84 -25.55 -0.95
CA GLU B 23 -36.69 -24.71 -1.82
C GLU B 23 -35.92 -23.52 -2.39
N ALA B 24 -34.98 -22.94 -1.64
CA ALA B 24 -34.05 -21.95 -2.18
C ALA B 24 -33.14 -22.54 -3.28
N GLU B 25 -32.66 -23.78 -3.15
CA GLU B 25 -31.95 -24.47 -4.24
C GLU B 25 -32.85 -24.71 -5.47
N GLN B 26 -34.09 -25.14 -5.26
CA GLN B 26 -35.07 -25.29 -6.35
C GLN B 26 -35.29 -23.96 -7.07
N LEU B 27 -35.52 -22.87 -6.32
CA LEU B 27 -35.70 -21.54 -6.88
C LEU B 27 -34.45 -21.06 -7.64
N LYS B 28 -33.25 -21.22 -7.09
CA LYS B 28 -32.01 -20.83 -7.77
C LYS B 28 -31.80 -21.64 -9.06
N ASN B 29 -32.04 -22.95 -9.05
CA ASN B 29 -32.02 -23.75 -10.27
C ASN B 29 -33.07 -23.30 -11.29
N GLN B 30 -34.27 -22.94 -10.85
CA GLN B 30 -35.31 -22.41 -11.72
C GLN B 30 -34.89 -21.07 -12.36
N ILE B 31 -34.34 -20.13 -11.57
CA ILE B 31 -33.83 -18.84 -12.04
C ILE B 31 -32.70 -19.04 -13.05
N ARG B 32 -31.76 -19.95 -12.77
CA ARG B 32 -30.68 -20.32 -13.69
C ARG B 32 -31.23 -20.87 -15.02
N ASP B 33 -32.24 -21.74 -14.99
CA ASP B 33 -32.90 -22.21 -16.21
C ASP B 33 -33.64 -21.07 -16.96
N ALA B 34 -34.29 -20.14 -16.25
CA ALA B 34 -34.91 -18.97 -16.85
C ALA B 34 -33.89 -18.05 -17.55
N ARG B 35 -32.70 -17.88 -16.98
CA ARG B 35 -31.58 -17.15 -17.61
C ARG B 35 -31.03 -17.92 -18.82
N LYS B 36 -30.80 -19.24 -18.72
CA LYS B 36 -30.41 -20.09 -19.86
C LYS B 36 -31.42 -20.06 -21.02
N ALA B 37 -32.71 -19.96 -20.76
CA ALA B 37 -33.72 -19.78 -21.80
C ALA B 37 -33.56 -18.46 -22.58
N CYS B 38 -33.02 -17.42 -21.93
CA CYS B 38 -32.80 -16.09 -22.49
C CYS B 38 -31.45 -15.96 -23.23
N ALA B 39 -30.47 -16.78 -22.86
CA ALA B 39 -29.08 -16.76 -23.32
C ALA B 39 -28.87 -17.20 -24.80
N ASP B 40 -29.21 -16.33 -25.74
CA ASP B 40 -29.00 -16.55 -27.18
C ASP B 40 -27.54 -16.78 -27.57
N ALA B 41 -26.70 -15.76 -27.39
CA ALA B 41 -25.31 -15.69 -27.83
C ALA B 41 -24.53 -14.71 -26.95
N THR B 42 -23.23 -14.94 -26.77
CA THR B 42 -22.36 -14.01 -26.03
C THR B 42 -22.22 -12.71 -26.81
N LEU B 43 -22.16 -11.57 -26.11
CA LEU B 43 -22.11 -10.26 -26.75
C LEU B 43 -20.94 -10.13 -27.73
N SER B 44 -19.83 -10.82 -27.45
CA SER B 44 -18.63 -10.91 -28.30
C SER B 44 -18.92 -11.35 -29.74
N GLN B 45 -19.94 -12.18 -29.96
CA GLN B 45 -20.36 -12.63 -31.28
C GLN B 45 -21.32 -11.63 -31.94
N ILE B 46 -22.21 -11.02 -31.16
CA ILE B 46 -23.18 -10.02 -31.64
C ILE B 46 -22.46 -8.82 -32.27
N THR B 47 -21.37 -8.38 -31.64
CA THR B 47 -20.58 -7.19 -32.03
C THR B 47 -19.49 -7.46 -33.07
N ASN B 48 -19.49 -8.63 -33.74
CA ASN B 48 -18.45 -8.99 -34.72
C ASN B 48 -18.27 -7.95 -35.85
N ASN B 49 -19.34 -7.41 -36.40
CA ASN B 49 -19.27 -6.44 -37.50
C ASN B 49 -18.80 -5.03 -37.08
N ILE B 50 -18.80 -4.71 -35.78
CA ILE B 50 -18.41 -3.40 -35.27
C ILE B 50 -16.89 -3.22 -35.38
N ASP B 51 -16.44 -2.07 -35.89
CA ASP B 51 -15.02 -1.74 -35.99
C ASP B 51 -14.39 -1.63 -34.58
N PRO B 52 -13.19 -2.20 -34.34
CA PRO B 52 -12.50 -2.04 -33.06
C PRO B 52 -12.15 -0.57 -32.80
N VAL B 53 -12.03 -0.21 -31.52
CA VAL B 53 -11.63 1.14 -31.09
C VAL B 53 -10.20 1.46 -31.55
N GLY B 54 -9.33 0.45 -31.60
CA GLY B 54 -7.90 0.62 -31.83
C GLY B 54 -7.18 1.19 -30.62
N ARG B 55 -5.89 1.51 -30.75
CA ARG B 55 -5.07 2.05 -29.65
C ARG B 55 -5.53 3.46 -29.26
N ILE B 56 -6.25 3.52 -28.15
CA ILE B 56 -6.52 4.74 -27.39
C ILE B 56 -5.21 5.25 -26.79
N GLN B 57 -4.91 6.52 -27.04
CA GLN B 57 -3.85 7.25 -26.34
C GLN B 57 -4.51 8.34 -25.50
N MET B 58 -4.42 8.20 -24.18
CA MET B 58 -4.76 9.26 -23.23
C MET B 58 -3.51 9.61 -22.45
N ARG B 59 -3.26 10.89 -22.21
CA ARG B 59 -2.07 11.38 -21.51
C ARG B 59 -2.49 12.25 -20.33
N THR B 60 -1.72 12.24 -19.25
CA THR B 60 -2.02 13.04 -18.06
C THR B 60 -2.06 14.52 -18.45
N ARG B 61 -3.22 15.14 -18.39
CA ARG B 61 -3.40 16.56 -18.67
C ARG B 61 -3.21 17.46 -17.45
N ARG B 62 -3.38 16.91 -16.24
CA ARG B 62 -2.98 17.49 -14.95
C ARG B 62 -2.56 16.39 -13.99
N THR B 63 -1.66 16.70 -13.07
CA THR B 63 -1.55 16.01 -11.78
C THR B 63 -2.02 16.97 -10.71
N LEU B 64 -2.94 16.54 -9.84
CA LEU B 64 -3.37 17.33 -8.70
C LEU B 64 -2.74 16.73 -7.44
N ARG B 65 -2.05 17.55 -6.66
CA ARG B 65 -1.26 17.15 -5.48
C ARG B 65 -1.54 18.04 -4.27
N GLY B 66 -1.37 17.50 -3.07
CA GLY B 66 -1.66 18.21 -1.82
C GLY B 66 -2.12 17.32 -0.67
N HIS B 67 -2.68 16.15 -0.94
CA HIS B 67 -3.02 15.18 0.10
C HIS B 67 -1.76 14.61 0.76
N LEU B 68 -1.76 14.50 2.09
CA LEU B 68 -0.62 14.04 2.89
C LEU B 68 -0.56 12.51 2.97
N ALA B 69 -1.69 11.84 2.76
CA ALA B 69 -1.86 10.40 2.83
C ALA B 69 -2.64 9.89 1.62
N LYS B 70 -2.77 8.58 1.47
CA LYS B 70 -3.44 7.93 0.33
C LYS B 70 -4.79 8.54 -0.01
N ILE B 71 -4.96 8.94 -1.26
CA ILE B 71 -6.26 9.42 -1.70
C ILE B 71 -7.05 8.15 -1.68
N TYR B 72 -8.25 8.19 -1.14
CA TYR B 72 -9.04 6.99 -0.99
C TYR B 72 -10.38 7.10 -1.71
N ALA B 73 -10.61 8.20 -2.43
CA ALA B 73 -11.92 8.38 -3.06
C ALA B 73 -12.08 9.57 -3.99
N MET B 74 -13.12 9.53 -4.82
CA MET B 74 -13.44 10.65 -5.69
C MET B 74 -14.92 10.85 -5.97
N HIS B 75 -15.27 12.06 -6.43
CA HIS B 75 -16.40 12.28 -7.32
C HIS B 75 -16.20 13.52 -8.19
N TRP B 76 -16.75 13.55 -9.41
CA TRP B 76 -16.77 14.73 -10.28
C TRP B 76 -18.08 15.52 -10.13
N GLY B 77 -18.02 16.84 -10.30
CA GLY B 77 -19.21 17.66 -10.45
C GLY B 77 -19.91 17.52 -11.80
N THR B 78 -21.21 17.81 -11.82
CA THR B 78 -22.04 17.83 -13.05
C THR B 78 -21.54 18.86 -14.06
N ASP B 79 -20.81 19.88 -13.61
CA ASP B 79 -20.15 20.87 -14.45
C ASP B 79 -18.91 20.35 -15.21
N SER B 80 -18.52 19.09 -14.99
CA SER B 80 -17.30 18.49 -15.54
C SER B 80 -16.01 19.25 -15.19
N ARG B 81 -16.03 20.10 -14.17
CA ARG B 81 -15.02 21.13 -13.91
C ARG B 81 -14.50 21.05 -12.50
N LEU B 82 -15.35 21.00 -11.48
CA LEU B 82 -14.89 20.72 -10.12
C LEU B 82 -14.90 19.23 -9.81
N LEU B 83 -14.01 18.78 -8.93
CA LEU B 83 -14.01 17.41 -8.43
C LEU B 83 -13.58 17.38 -6.97
N VAL B 84 -13.95 16.30 -6.29
CA VAL B 84 -13.70 16.10 -4.86
C VAL B 84 -12.82 14.89 -4.69
N SER B 85 -11.89 14.91 -3.74
CA SER B 85 -11.15 13.73 -3.34
C SER B 85 -10.92 13.71 -1.85
N ALA B 86 -10.79 12.53 -1.27
CA ALA B 86 -10.59 12.34 0.15
C ALA B 86 -9.37 11.49 0.45
N SER B 87 -8.73 11.69 1.58
CA SER B 87 -7.53 10.96 1.96
C SER B 87 -7.49 10.67 3.45
N GLN B 88 -6.78 9.60 3.82
CA GLN B 88 -6.77 9.11 5.19
C GLN B 88 -5.81 9.83 6.14
N ASP B 89 -5.42 11.05 5.81
CA ASP B 89 -4.89 12.06 6.71
C ASP B 89 -6.03 12.84 7.40
N GLY B 90 -7.25 12.74 6.87
CA GLY B 90 -8.42 13.46 7.31
C GLY B 90 -8.71 14.74 6.53
N LYS B 91 -8.37 14.77 5.24
CA LYS B 91 -8.66 15.89 4.33
C LYS B 91 -9.61 15.49 3.23
N LEU B 92 -10.40 16.47 2.81
CA LEU B 92 -11.37 16.37 1.73
C LEU B 92 -11.20 17.63 0.88
N ILE B 93 -10.57 17.50 -0.27
CA ILE B 93 -10.14 18.64 -1.09
C ILE B 93 -11.05 18.73 -2.31
N ILE B 94 -11.45 19.94 -2.66
CA ILE B 94 -12.24 20.23 -3.85
C ILE B 94 -11.36 21.01 -4.80
N TRP B 95 -11.26 20.57 -6.04
CA TRP B 95 -10.31 21.10 -7.02
C TRP B 95 -11.04 21.68 -8.21
N ASP B 96 -10.55 22.79 -8.71
CA ASP B 96 -10.77 23.17 -10.09
C ASP B 96 -9.84 22.34 -10.96
N SER B 97 -10.40 21.47 -11.79
CA SER B 97 -9.62 20.60 -12.67
C SER B 97 -9.02 21.33 -13.87
N TYR B 98 -9.59 22.45 -14.32
CA TYR B 98 -9.06 23.21 -15.43
C TYR B 98 -7.83 24.00 -14.98
N THR B 99 -7.90 24.66 -13.83
CA THR B 99 -6.84 25.55 -13.33
C THR B 99 -5.87 24.89 -12.34
N THR B 100 -6.16 23.70 -11.82
CA THR B 100 -5.43 23.01 -10.73
C THR B 100 -5.58 23.67 -9.35
N ASN B 101 -6.35 24.76 -9.21
CA ASN B 101 -6.52 25.42 -7.93
C ASN B 101 -7.40 24.61 -6.96
N LYS B 102 -6.96 24.47 -5.72
CA LYS B 102 -7.79 23.99 -4.61
C LYS B 102 -8.85 25.03 -4.28
N VAL B 103 -10.13 24.70 -4.42
CA VAL B 103 -11.25 25.59 -4.12
C VAL B 103 -11.65 25.51 -2.65
N HIS B 104 -11.58 24.32 -2.04
CA HIS B 104 -11.75 24.08 -0.60
C HIS B 104 -10.88 22.93 -0.14
N ALA B 105 -10.52 22.88 1.14
CA ALA B 105 -9.75 21.80 1.74
C ALA B 105 -10.27 21.52 3.15
N ILE B 106 -11.36 20.77 3.20
CA ILE B 106 -12.19 20.52 4.38
C ILE B 106 -11.47 19.58 5.35
N PRO B 107 -11.22 19.96 6.60
CA PRO B 107 -10.77 19.04 7.65
C PRO B 107 -11.92 18.18 8.18
N LEU B 108 -11.62 16.97 8.62
CA LEU B 108 -12.61 15.98 9.05
C LEU B 108 -12.36 15.49 10.48
N ARG B 109 -13.41 15.15 11.23
CA ARG B 109 -13.30 14.67 12.61
C ARG B 109 -12.54 13.35 12.69
N SER B 110 -12.96 12.37 11.89
CA SER B 110 -12.30 11.07 11.75
C SER B 110 -11.46 11.06 10.48
N SER B 111 -10.17 10.72 10.59
CA SER B 111 -9.25 10.75 9.44
C SER B 111 -9.50 9.63 8.45
N TRP B 112 -10.04 8.49 8.88
CA TRP B 112 -10.18 7.28 8.09
C TRP B 112 -11.38 7.31 7.14
N VAL B 113 -11.43 8.27 6.23
CA VAL B 113 -12.47 8.37 5.19
C VAL B 113 -12.35 7.18 4.26
N MET B 114 -13.46 6.66 3.74
CA MET B 114 -13.48 5.61 2.73
C MET B 114 -14.34 5.96 1.51
N THR B 115 -15.09 7.05 1.53
CA THR B 115 -15.86 7.53 0.38
C THR B 115 -16.09 9.03 0.42
N CYS B 116 -16.40 9.63 -0.71
CA CYS B 116 -16.92 10.98 -0.81
C CYS B 116 -17.82 11.11 -2.04
N ALA B 117 -18.66 12.15 -2.06
CA ALA B 117 -19.61 12.42 -3.13
C ALA B 117 -19.86 13.92 -3.27
N TYR B 118 -20.38 14.33 -4.43
CA TYR B 118 -20.61 15.73 -4.73
C TYR B 118 -22.03 15.83 -5.27
N ALA B 119 -22.88 16.62 -4.62
CA ALA B 119 -24.28 16.72 -5.01
C ALA B 119 -24.42 17.17 -6.48
N PRO B 120 -25.43 16.73 -7.23
CA PRO B 120 -25.55 17.06 -8.65
C PRO B 120 -25.73 18.57 -8.94
N SER B 121 -26.08 19.36 -7.94
CA SER B 121 -26.11 20.83 -7.96
C SER B 121 -24.75 21.52 -7.70
N GLY B 122 -23.80 20.81 -7.09
CA GLY B 122 -22.58 21.34 -6.51
C GLY B 122 -22.73 22.07 -5.16
N ASN B 123 -23.93 22.09 -4.57
CA ASN B 123 -24.17 22.79 -3.30
C ASN B 123 -23.58 22.08 -2.08
N TYR B 124 -23.45 20.76 -2.12
CA TYR B 124 -23.03 19.93 -0.98
C TYR B 124 -22.02 18.88 -1.38
N VAL B 125 -21.23 18.45 -0.41
CA VAL B 125 -20.32 17.30 -0.48
C VAL B 125 -20.54 16.40 0.71
N ALA B 126 -20.53 15.10 0.51
CA ALA B 126 -20.64 14.10 1.57
C ALA B 126 -19.36 13.27 1.66
N CYS B 127 -19.05 12.72 2.82
CA CYS B 127 -18.00 11.72 2.99
C CYS B 127 -18.21 10.88 4.25
N GLY B 128 -17.50 9.78 4.38
CA GLY B 128 -17.46 8.99 5.62
C GLY B 128 -16.61 7.76 5.49
N GLY B 129 -16.41 7.00 6.57
CA GLY B 129 -15.51 5.85 6.57
C GLY B 129 -15.59 5.03 7.84
N LEU B 130 -14.46 4.81 8.52
CA LEU B 130 -14.42 3.97 9.73
C LEU B 130 -15.13 4.56 10.95
N ASP B 131 -15.58 5.81 10.88
CA ASP B 131 -16.50 6.38 11.87
C ASP B 131 -17.90 5.77 11.83
N ASN B 132 -18.24 5.06 10.75
CA ASN B 132 -19.57 4.56 10.42
C ASN B 132 -20.67 5.62 10.45
N ILE B 133 -20.30 6.84 10.05
CA ILE B 133 -21.17 8.02 9.90
C ILE B 133 -21.02 8.53 8.47
N CYS B 134 -22.06 9.12 7.87
CA CYS B 134 -21.91 9.93 6.67
C CYS B 134 -22.05 11.41 7.06
N SER B 135 -21.00 12.21 6.85
CA SER B 135 -20.96 13.63 7.19
C SER B 135 -21.13 14.46 5.94
N ILE B 136 -22.06 15.41 5.95
CA ILE B 136 -22.39 16.25 4.81
C ILE B 136 -21.96 17.68 5.06
N TYR B 137 -21.32 18.31 4.09
CA TYR B 137 -20.73 19.63 4.13
C TYR B 137 -21.42 20.55 3.13
N ASN B 138 -21.88 21.71 3.58
CA ASN B 138 -22.47 22.73 2.70
C ASN B 138 -21.35 23.61 2.13
N LEU B 139 -21.29 23.75 0.80
CA LEU B 139 -20.29 24.58 0.13
C LEU B 139 -20.77 26.02 -0.14
N LYS B 140 -22.06 26.28 0.04
CA LYS B 140 -22.76 27.53 -0.31
C LYS B 140 -23.47 28.15 0.91
N THR B 141 -22.83 28.11 2.08
CA THR B 141 -23.37 28.69 3.32
C THR B 141 -23.44 30.23 3.25
N ARG B 142 -24.41 30.83 3.97
CA ARG B 142 -24.51 32.30 4.08
C ARG B 142 -23.29 32.97 4.74
N GLU B 143 -22.66 32.26 5.67
CA GLU B 143 -21.41 32.66 6.34
C GLU B 143 -20.14 32.43 5.50
N GLY B 144 -20.26 31.92 4.26
CA GLY B 144 -19.14 31.79 3.32
C GLY B 144 -18.06 30.78 3.72
N ASN B 145 -18.34 29.87 4.66
CA ASN B 145 -17.41 28.89 5.21
C ASN B 145 -17.98 27.47 5.13
N VAL B 146 -17.12 26.48 4.87
CA VAL B 146 -17.47 25.06 4.89
C VAL B 146 -17.59 24.55 6.32
N ARG B 147 -18.67 23.83 6.61
CA ARG B 147 -18.93 23.16 7.90
C ARG B 147 -19.87 21.97 7.74
N VAL B 148 -19.90 21.07 8.73
CA VAL B 148 -20.82 19.93 8.74
C VAL B 148 -22.26 20.43 8.82
N SER B 149 -23.02 20.21 7.76
CA SER B 149 -24.46 20.46 7.69
C SER B 149 -25.24 19.42 8.49
N ARG B 150 -24.91 18.12 8.35
CA ARG B 150 -25.39 17.07 9.26
C ARG B 150 -24.47 15.86 9.30
N GLU B 151 -24.52 15.10 10.38
CA GLU B 151 -23.98 13.75 10.49
C GLU B 151 -25.11 12.74 10.46
N LEU B 152 -25.10 11.86 9.45
CA LEU B 152 -26.02 10.75 9.31
C LEU B 152 -25.42 9.53 10.02
N ALA B 153 -25.62 9.46 11.34
CA ALA B 153 -25.22 8.32 12.16
C ALA B 153 -26.31 7.23 12.16
N GLY B 154 -25.94 5.96 12.19
CA GLY B 154 -26.88 4.84 12.29
C GLY B 154 -26.43 3.55 11.62
N HIS B 155 -25.54 3.61 10.62
CA HIS B 155 -24.85 2.41 10.13
C HIS B 155 -23.95 1.81 11.22
N THR B 156 -23.86 0.49 11.30
CA THR B 156 -23.15 -0.24 12.38
C THR B 156 -21.81 -0.83 11.94
N GLY B 157 -21.30 -0.39 10.79
CA GLY B 157 -20.00 -0.73 10.20
C GLY B 157 -19.61 0.34 9.20
N TYR B 158 -18.34 0.39 8.80
CA TYR B 158 -17.77 1.50 8.04
C TYR B 158 -18.63 1.95 6.84
N LEU B 159 -18.75 3.25 6.61
CA LEU B 159 -19.41 3.75 5.42
C LEU B 159 -18.49 3.49 4.22
N SER B 160 -18.96 2.79 3.20
CA SER B 160 -18.11 2.34 2.09
C SER B 160 -18.33 3.09 0.80
N CYS B 161 -19.54 3.60 0.56
CA CYS B 161 -19.87 4.45 -0.57
C CYS B 161 -21.08 5.31 -0.22
N CYS B 162 -21.23 6.47 -0.84
CA CYS B 162 -22.44 7.28 -0.77
C CYS B 162 -22.63 8.09 -2.05
N ARG B 163 -23.88 8.42 -2.37
CA ARG B 163 -24.20 9.17 -3.58
C ARG B 163 -25.52 9.94 -3.50
N PHE B 164 -25.52 11.23 -3.81
CA PHE B 164 -26.73 12.05 -3.75
C PHE B 164 -27.68 11.74 -4.92
N LEU B 165 -28.98 11.73 -4.66
CA LEU B 165 -29.98 11.90 -5.72
C LEU B 165 -30.21 13.39 -6.01
N ASP B 166 -30.28 14.20 -4.95
CA ASP B 166 -30.47 15.64 -4.97
C ASP B 166 -29.98 16.23 -3.63
N ASP B 167 -30.11 17.53 -3.42
CA ASP B 167 -29.64 18.20 -2.20
C ASP B 167 -30.31 17.71 -0.91
N ASN B 168 -31.43 16.98 -0.98
CA ASN B 168 -32.12 16.41 0.18
C ASN B 168 -31.85 14.92 0.38
N GLN B 169 -31.62 14.13 -0.67
CA GLN B 169 -31.56 12.67 -0.56
C GLN B 169 -30.19 12.07 -0.92
N ILE B 170 -29.68 11.21 -0.05
CA ILE B 170 -28.41 10.50 -0.22
C ILE B 170 -28.56 9.00 0.03
N VAL B 171 -27.99 8.18 -0.84
CA VAL B 171 -27.89 6.73 -0.68
C VAL B 171 -26.53 6.42 -0.13
N THR B 172 -26.46 5.55 0.86
CA THR B 172 -25.23 5.12 1.52
C THR B 172 -25.11 3.61 1.45
N SER B 173 -23.89 3.14 1.57
CA SER B 173 -23.50 1.73 1.52
C SER B 173 -22.55 1.46 2.68
N SER B 174 -22.58 0.27 3.26
CA SER B 174 -21.91 0.04 4.53
C SER B 174 -21.32 -1.36 4.72
N GLY B 175 -20.26 -1.42 5.53
CA GLY B 175 -19.72 -2.65 6.05
C GLY B 175 -20.70 -3.43 6.94
N ASP B 176 -21.80 -2.82 7.42
CA ASP B 176 -22.89 -3.54 8.10
C ASP B 176 -23.80 -4.35 7.15
N THR B 177 -23.36 -4.53 5.91
CA THR B 177 -23.95 -5.29 4.82
C THR B 177 -25.26 -4.68 4.33
N THR B 178 -25.60 -3.44 4.68
CA THR B 178 -26.79 -2.73 4.19
C THR B 178 -26.43 -1.53 3.31
N CYS B 179 -27.36 -1.14 2.45
CA CYS B 179 -27.46 0.24 1.98
C CYS B 179 -28.56 0.96 2.77
N ALA B 180 -28.62 2.28 2.70
CA ALA B 180 -29.74 3.06 3.21
C ALA B 180 -29.98 4.28 2.33
N LEU B 181 -31.22 4.75 2.26
CA LEU B 181 -31.57 6.05 1.70
C LEU B 181 -31.88 6.97 2.87
N TRP B 182 -31.33 8.17 2.90
CA TRP B 182 -31.59 9.14 3.95
C TRP B 182 -32.18 10.40 3.35
N ASP B 183 -33.05 11.05 4.11
CA ASP B 183 -33.40 12.46 3.86
C ASP B 183 -32.57 13.30 4.82
N ILE B 184 -31.79 14.23 4.26
CA ILE B 184 -30.70 14.90 4.98
C ILE B 184 -31.24 15.89 6.01
N GLU B 185 -32.33 16.59 5.71
CA GLU B 185 -33.05 17.45 6.67
C GLU B 185 -33.58 16.64 7.87
N THR B 186 -34.14 15.47 7.60
CA THR B 186 -34.68 14.57 8.62
C THR B 186 -33.57 13.96 9.48
N GLY B 187 -32.41 13.66 8.88
CA GLY B 187 -31.29 13.01 9.56
C GLY B 187 -31.49 11.53 9.86
N GLN B 188 -32.38 10.85 9.13
CA GLN B 188 -32.84 9.48 9.39
C GLN B 188 -32.98 8.66 8.11
N GLN B 189 -32.90 7.33 8.24
CA GLN B 189 -33.02 6.40 7.12
C GLN B 189 -34.47 6.33 6.61
N THR B 190 -34.73 6.98 5.47
CA THR B 190 -35.97 6.92 4.70
C THR B 190 -36.27 5.51 4.19
N THR B 191 -35.24 4.72 3.90
CA THR B 191 -35.33 3.26 3.68
C THR B 191 -34.02 2.61 4.13
N THR B 192 -34.05 1.30 4.33
CA THR B 192 -32.85 0.46 4.49
C THR B 192 -32.95 -0.70 3.52
N PHE B 193 -31.85 -1.06 2.86
CA PHE B 193 -31.76 -2.15 1.91
C PHE B 193 -30.83 -3.22 2.49
N THR B 194 -31.34 -4.40 2.80
CA THR B 194 -30.72 -5.29 3.81
C THR B 194 -30.22 -6.63 3.30
N GLY B 195 -30.54 -7.03 2.07
CA GLY B 195 -30.33 -8.39 1.58
C GLY B 195 -28.89 -8.86 1.28
N HIS B 196 -27.89 -7.98 1.20
CA HIS B 196 -26.50 -8.44 1.01
C HIS B 196 -25.93 -9.19 2.22
N THR B 197 -25.02 -10.13 1.97
CA THR B 197 -24.45 -11.03 2.98
C THR B 197 -23.04 -10.63 3.38
N GLY B 198 -22.29 -10.00 2.48
CA GLY B 198 -21.01 -9.38 2.78
C GLY B 198 -21.10 -7.86 2.92
N ASP B 199 -19.99 -7.25 3.30
CA ASP B 199 -19.82 -5.80 3.39
C ASP B 199 -20.16 -5.13 2.06
N VAL B 200 -21.14 -4.23 2.00
CA VAL B 200 -21.48 -3.57 0.73
C VAL B 200 -20.35 -2.63 0.39
N MET B 201 -19.81 -2.67 -0.82
CA MET B 201 -18.59 -1.93 -1.18
C MET B 201 -18.82 -0.69 -1.99
N SER B 202 -19.75 -0.69 -2.94
CA SER B 202 -19.97 0.46 -3.80
C SER B 202 -21.38 0.50 -4.36
N LEU B 203 -21.77 1.68 -4.81
CA LEU B 203 -23.08 2.06 -5.35
C LEU B 203 -22.92 2.60 -6.77
N SER B 204 -23.96 2.48 -7.59
CA SER B 204 -24.16 3.39 -8.72
C SER B 204 -25.63 3.70 -8.89
N LEU B 205 -26.01 4.96 -9.05
CA LEU B 205 -27.40 5.39 -9.25
C LEU B 205 -27.75 5.40 -10.74
N ALA B 206 -28.99 5.05 -11.09
CA ALA B 206 -29.42 5.05 -12.48
C ALA B 206 -29.49 6.49 -13.06
N PRO B 207 -29.18 6.70 -14.35
CA PRO B 207 -29.31 7.99 -15.01
C PRO B 207 -30.75 8.56 -14.97
N ASP B 208 -31.76 7.74 -15.26
CA ASP B 208 -33.17 8.02 -14.94
C ASP B 208 -33.43 7.58 -13.49
N THR B 209 -33.20 8.47 -12.54
CA THR B 209 -32.84 8.12 -11.15
C THR B 209 -34.01 7.60 -10.32
N ARG B 210 -34.33 6.32 -10.52
CA ARG B 210 -35.44 5.58 -9.89
C ARG B 210 -35.00 4.20 -9.34
N LEU B 211 -33.74 3.85 -9.57
CA LEU B 211 -33.09 2.55 -9.35
C LEU B 211 -31.61 2.77 -8.98
N PHE B 212 -30.99 1.85 -8.26
CA PHE B 212 -29.54 1.84 -8.06
C PHE B 212 -28.98 0.42 -7.94
N VAL B 213 -27.69 0.24 -8.15
CA VAL B 213 -27.01 -1.06 -8.01
C VAL B 213 -25.92 -0.99 -6.96
N SER B 214 -25.68 -2.09 -6.26
CA SER B 214 -24.58 -2.23 -5.31
C SER B 214 -23.89 -3.58 -5.45
N GLY B 215 -22.64 -3.69 -5.03
CA GLY B 215 -21.89 -4.97 -4.97
C GLY B 215 -21.17 -5.10 -3.64
N ALA B 216 -20.99 -6.31 -3.10
CA ALA B 216 -20.91 -6.41 -1.64
C ALA B 216 -20.12 -7.57 -1.00
N CYS B 217 -18.83 -7.74 -1.28
CA CYS B 217 -17.98 -8.70 -0.52
C CYS B 217 -18.55 -10.12 -0.41
N ASP B 218 -19.35 -10.45 -1.39
CA ASP B 218 -19.91 -11.71 -1.78
C ASP B 218 -19.98 -11.61 -3.32
N ALA B 219 -20.23 -12.70 -4.03
CA ALA B 219 -20.22 -12.65 -5.48
C ALA B 219 -21.34 -11.75 -6.08
N SER B 220 -22.20 -11.14 -5.26
CA SER B 220 -23.45 -10.56 -5.72
C SER B 220 -23.38 -9.06 -5.96
N ALA B 221 -24.05 -8.64 -7.02
CA ALA B 221 -24.57 -7.29 -7.16
C ALA B 221 -26.09 -7.33 -7.08
N LYS B 222 -26.73 -6.30 -6.56
CA LYS B 222 -28.18 -6.20 -6.45
C LYS B 222 -28.68 -4.93 -7.09
N LEU B 223 -29.81 -5.00 -7.79
CA LEU B 223 -30.54 -3.85 -8.31
C LEU B 223 -31.70 -3.52 -7.37
N TRP B 224 -31.68 -2.33 -6.77
CA TRP B 224 -32.64 -1.86 -5.78
C TRP B 224 -33.61 -0.86 -6.38
N ASP B 225 -34.90 -1.00 -6.09
CA ASP B 225 -35.87 0.05 -6.38
C ASP B 225 -35.89 1.08 -5.24
N VAL B 226 -35.64 2.35 -5.57
CA VAL B 226 -35.53 3.45 -4.60
C VAL B 226 -36.85 3.75 -3.90
N ARG B 227 -37.97 3.62 -4.64
CA ARG B 227 -39.32 3.97 -4.17
C ARG B 227 -39.95 2.81 -3.41
N GLU B 228 -39.78 1.59 -3.91
CA GLU B 228 -40.34 0.38 -3.28
C GLU B 228 -39.49 -0.15 -2.11
N GLY B 229 -38.16 -0.03 -2.18
CA GLY B 229 -37.25 -0.33 -1.07
C GLY B 229 -36.69 -1.75 -0.98
N MET B 230 -36.79 -2.57 -2.04
CA MET B 230 -36.24 -3.95 -2.05
C MET B 230 -35.83 -4.39 -3.45
N CYS B 231 -34.85 -5.30 -3.58
CA CYS B 231 -34.18 -5.56 -4.85
C CYS B 231 -35.06 -6.26 -5.89
N ARG B 232 -35.05 -5.73 -7.12
CA ARG B 232 -35.69 -6.33 -8.29
C ARG B 232 -34.97 -7.59 -8.75
N GLN B 233 -33.63 -7.59 -8.68
CA GLN B 233 -32.76 -8.63 -9.23
C GLN B 233 -31.49 -8.78 -8.39
N THR B 234 -30.97 -10.01 -8.30
CA THR B 234 -29.66 -10.32 -7.76
C THR B 234 -28.79 -10.97 -8.83
N PHE B 235 -27.65 -10.37 -9.15
CA PHE B 235 -26.68 -10.83 -10.14
C PHE B 235 -25.51 -11.47 -9.42
N THR B 236 -25.04 -12.65 -9.82
CA THR B 236 -24.13 -13.45 -8.97
C THR B 236 -22.92 -14.03 -9.71
N GLY B 237 -22.64 -13.57 -10.93
CA GLY B 237 -21.64 -14.16 -11.82
C GLY B 237 -20.18 -13.99 -11.41
N HIS B 238 -19.88 -13.02 -10.53
CA HIS B 238 -18.53 -12.83 -9.99
C HIS B 238 -18.06 -14.01 -9.13
N GLU B 239 -16.80 -13.95 -8.74
CA GLU B 239 -16.08 -15.05 -8.11
C GLU B 239 -15.45 -14.67 -6.76
N SER B 240 -15.32 -13.37 -6.49
CA SER B 240 -14.88 -12.81 -5.22
C SER B 240 -15.45 -11.40 -5.01
N ASP B 241 -15.06 -10.72 -3.95
CA ASP B 241 -15.62 -9.47 -3.47
C ASP B 241 -15.72 -8.40 -4.55
N ILE B 242 -16.94 -8.02 -4.94
CA ILE B 242 -17.14 -6.88 -5.83
C ILE B 242 -16.75 -5.60 -5.10
N ASN B 243 -15.71 -4.93 -5.57
CA ASN B 243 -15.24 -3.67 -4.99
C ASN B 243 -15.86 -2.46 -5.68
N ALA B 244 -16.18 -2.57 -6.97
CA ALA B 244 -16.54 -1.45 -7.82
C ALA B 244 -17.74 -1.76 -8.70
N ILE B 245 -18.58 -0.77 -8.97
CA ILE B 245 -19.79 -0.91 -9.77
C ILE B 245 -20.14 0.39 -10.49
N CYS B 246 -20.71 0.34 -11.68
CA CYS B 246 -21.10 1.53 -12.44
C CYS B 246 -22.16 1.22 -13.48
N PHE B 247 -23.23 2.01 -13.58
CA PHE B 247 -24.13 1.94 -14.73
C PHE B 247 -23.47 2.28 -16.06
N PHE B 248 -23.87 1.57 -17.10
CA PHE B 248 -23.68 1.94 -18.50
C PHE B 248 -24.62 3.12 -18.81
N PRO B 249 -24.25 4.09 -19.68
CA PRO B 249 -24.92 5.40 -19.68
C PRO B 249 -26.41 5.46 -20.03
N ASN B 250 -27.01 4.41 -20.60
CA ASN B 250 -28.47 4.32 -20.81
C ASN B 250 -29.26 3.79 -19.58
N GLY B 251 -28.59 3.29 -18.54
CA GLY B 251 -29.22 2.71 -17.35
C GLY B 251 -29.73 1.27 -17.50
N ASN B 252 -29.57 0.64 -18.67
CA ASN B 252 -30.03 -0.72 -18.93
C ASN B 252 -28.99 -1.82 -18.61
N ALA B 253 -27.73 -1.47 -18.37
CA ALA B 253 -26.67 -2.40 -18.02
C ALA B 253 -25.70 -1.77 -17.02
N PHE B 254 -24.86 -2.57 -16.37
CA PHE B 254 -23.82 -2.08 -15.47
C PHE B 254 -22.56 -2.94 -15.52
N ALA B 255 -21.42 -2.33 -15.25
CA ALA B 255 -20.15 -3.02 -15.04
C ALA B 255 -19.87 -3.22 -13.56
N THR B 256 -19.09 -4.22 -13.22
CA THR B 256 -18.55 -4.46 -11.87
C THR B 256 -17.13 -4.96 -11.91
N GLY B 257 -16.31 -4.62 -10.93
CA GLY B 257 -14.95 -5.12 -10.78
C GLY B 257 -14.70 -5.62 -9.37
N SER B 258 -13.86 -6.63 -9.20
CA SER B 258 -13.73 -7.35 -7.95
C SER B 258 -12.33 -7.84 -7.67
N ASP B 259 -12.13 -8.42 -6.49
CA ASP B 259 -10.92 -9.12 -6.13
C ASP B 259 -10.62 -10.33 -7.01
N ASP B 260 -11.57 -10.83 -7.82
CA ASP B 260 -11.32 -11.97 -8.72
C ASP B 260 -10.61 -11.58 -10.02
N ALA B 261 -10.14 -10.34 -10.12
CA ALA B 261 -9.40 -9.75 -11.23
C ALA B 261 -10.19 -9.58 -12.54
N THR B 262 -11.47 -9.94 -12.60
CA THR B 262 -12.31 -9.67 -13.78
C THR B 262 -13.13 -8.40 -13.62
N CYS B 263 -13.32 -7.62 -14.68
CA CYS B 263 -14.53 -6.81 -14.79
C CYS B 263 -15.61 -7.68 -15.44
N ARG B 264 -16.89 -7.41 -15.18
CA ARG B 264 -18.01 -8.09 -15.86
C ARG B 264 -19.11 -7.11 -16.18
N LEU B 265 -19.72 -7.24 -17.33
CA LEU B 265 -20.87 -6.43 -17.78
C LEU B 265 -22.15 -7.24 -17.58
N PHE B 266 -23.16 -6.67 -16.94
CA PHE B 266 -24.46 -7.29 -16.71
C PHE B 266 -25.57 -6.44 -17.31
N ASP B 267 -26.51 -7.07 -18.02
CA ASP B 267 -27.81 -6.45 -18.30
C ASP B 267 -28.72 -6.42 -17.09
N LEU B 268 -29.52 -5.37 -16.97
CA LEU B 268 -30.76 -5.46 -16.23
C LEU B 268 -31.76 -6.35 -16.97
N ARG B 269 -32.14 -5.97 -18.21
CA ARG B 269 -33.32 -6.50 -18.90
C ARG B 269 -33.25 -7.99 -19.24
N ALA B 270 -32.06 -8.53 -19.50
CA ALA B 270 -31.83 -9.95 -19.70
C ALA B 270 -31.43 -10.70 -18.41
N ASP B 271 -31.26 -9.99 -17.29
CA ASP B 271 -30.96 -10.55 -15.97
C ASP B 271 -29.66 -11.40 -15.88
N GLN B 272 -28.59 -11.05 -16.60
CA GLN B 272 -27.39 -11.88 -16.66
C GLN B 272 -26.14 -11.13 -17.11
N GLU B 273 -24.97 -11.77 -16.99
CA GLU B 273 -23.74 -11.33 -17.67
C GLU B 273 -23.91 -11.24 -19.19
N LEU B 274 -23.27 -10.26 -19.80
CA LEU B 274 -23.05 -10.17 -21.24
C LEU B 274 -21.60 -10.45 -21.64
N MET B 275 -20.64 -10.09 -20.80
CA MET B 275 -19.22 -10.16 -21.12
C MET B 275 -18.36 -10.13 -19.85
N THR B 276 -17.14 -10.67 -19.93
CA THR B 276 -16.10 -10.59 -18.89
C THR B 276 -14.82 -10.03 -19.50
N TYR B 277 -14.10 -9.21 -18.74
CA TYR B 277 -12.89 -8.52 -19.19
C TYR B 277 -11.71 -8.96 -18.33
N SER B 278 -10.75 -9.65 -18.92
CA SER B 278 -9.63 -10.24 -18.20
C SER B 278 -8.44 -10.59 -19.11
N HIS B 279 -7.27 -10.75 -18.50
CA HIS B 279 -6.09 -11.44 -19.00
C HIS B 279 -5.53 -12.30 -17.88
N ASP B 280 -4.95 -13.46 -18.19
CA ASP B 280 -4.12 -14.20 -17.23
C ASP B 280 -2.85 -13.43 -16.82
N ASN B 281 -2.50 -12.37 -17.58
CA ASN B 281 -1.48 -11.38 -17.22
C ASN B 281 -1.89 -10.51 -16.01
N ILE B 282 -3.16 -10.53 -15.59
CA ILE B 282 -3.71 -9.73 -14.48
C ILE B 282 -4.09 -10.68 -13.33
N ILE B 283 -3.45 -10.51 -12.16
CA ILE B 283 -3.76 -11.26 -10.92
C ILE B 283 -4.17 -10.34 -9.75
N CYS B 284 -4.53 -9.10 -10.08
CA CYS B 284 -4.85 -8.02 -9.15
C CYS B 284 -6.35 -7.80 -9.01
N GLY B 285 -6.80 -7.49 -7.80
CA GLY B 285 -8.16 -6.98 -7.61
C GLY B 285 -8.39 -5.66 -8.33
N ILE B 286 -9.61 -5.45 -8.78
CA ILE B 286 -10.05 -4.24 -9.44
C ILE B 286 -10.68 -3.34 -8.39
N THR B 287 -10.25 -2.09 -8.31
CA THR B 287 -10.64 -1.15 -7.26
C THR B 287 -11.79 -0.25 -7.67
N SER B 288 -11.98 -0.04 -8.96
CA SER B 288 -12.77 1.07 -9.50
C SER B 288 -13.13 0.80 -10.95
N VAL B 289 -14.30 1.21 -11.42
CA VAL B 289 -14.73 1.05 -12.82
C VAL B 289 -15.59 2.23 -13.26
N SER B 290 -15.53 2.62 -14.54
CA SER B 290 -16.44 3.61 -15.13
C SER B 290 -16.49 3.50 -16.65
N PHE B 291 -17.63 3.75 -17.27
CA PHE B 291 -17.70 3.91 -18.72
C PHE B 291 -17.31 5.31 -19.19
N SER B 292 -16.94 5.46 -20.46
CA SER B 292 -16.96 6.74 -21.18
C SER B 292 -18.37 7.08 -21.67
N LYS B 293 -18.62 8.31 -22.18
CA LYS B 293 -19.97 8.85 -22.41
C LYS B 293 -20.84 8.00 -23.35
N SER B 294 -20.27 7.44 -24.41
CA SER B 294 -20.99 6.54 -25.33
C SER B 294 -21.23 5.13 -24.76
N GLY B 295 -20.67 4.81 -23.60
CA GLY B 295 -20.57 3.46 -23.08
C GLY B 295 -19.50 2.60 -23.76
N ARG B 296 -18.89 3.04 -24.88
CA ARG B 296 -18.03 2.19 -25.71
C ARG B 296 -16.73 1.80 -25.04
N LEU B 297 -16.17 2.65 -24.19
CA LEU B 297 -15.01 2.33 -23.37
C LEU B 297 -15.49 2.02 -21.94
N LEU B 298 -14.97 0.96 -21.34
CA LEU B 298 -15.06 0.69 -19.91
C LEU B 298 -13.66 0.80 -19.31
N LEU B 299 -13.45 1.74 -18.42
CA LEU B 299 -12.19 1.98 -17.74
C LEU B 299 -12.20 1.33 -16.37
N ALA B 300 -11.09 0.72 -15.96
CA ALA B 300 -11.00 0.07 -14.67
C ALA B 300 -9.64 0.32 -14.04
N GLY B 301 -9.60 0.59 -12.74
CA GLY B 301 -8.38 0.77 -11.95
C GLY B 301 -8.04 -0.48 -11.16
N TYR B 302 -6.76 -0.80 -11.00
CA TYR B 302 -6.30 -2.09 -10.49
C TYR B 302 -5.27 -1.95 -9.38
N ASP B 303 -5.13 -2.99 -8.57
CA ASP B 303 -4.08 -3.08 -7.56
C ASP B 303 -2.65 -3.10 -8.15
N ASP B 304 -2.48 -3.37 -9.45
CA ASP B 304 -1.18 -3.38 -10.17
C ASP B 304 -0.60 -1.99 -10.47
N PHE B 305 -1.19 -0.96 -9.86
CA PHE B 305 -0.87 0.45 -9.87
C PHE B 305 -1.36 1.20 -11.13
N ASN B 306 -2.04 0.56 -12.08
CA ASN B 306 -2.48 1.22 -13.33
C ASN B 306 -3.97 1.01 -13.63
N CYS B 307 -4.44 1.58 -14.74
CA CYS B 307 -5.79 1.40 -15.24
C CYS B 307 -5.75 0.77 -16.62
N ASN B 308 -6.66 -0.16 -16.89
CA ASN B 308 -6.85 -0.73 -18.21
C ASN B 308 -8.11 -0.10 -18.82
N VAL B 309 -8.03 0.30 -20.09
CA VAL B 309 -9.18 0.79 -20.85
C VAL B 309 -9.62 -0.33 -21.75
N TRP B 310 -10.87 -0.74 -21.63
CA TRP B 310 -11.46 -1.87 -22.36
C TRP B 310 -12.46 -1.37 -23.39
N ASP B 311 -12.48 -1.96 -24.57
CA ASP B 311 -13.64 -1.83 -25.45
C ASP B 311 -14.79 -2.63 -24.82
N ALA B 312 -15.82 -1.94 -24.35
CA ALA B 312 -16.99 -2.53 -23.71
C ALA B 312 -17.74 -3.52 -24.62
N LEU B 313 -17.67 -3.34 -25.94
CA LEU B 313 -18.31 -4.21 -26.92
C LEU B 313 -17.47 -5.41 -27.37
N LYS B 314 -16.18 -5.51 -26.98
CA LYS B 314 -15.25 -6.55 -27.51
C LYS B 314 -14.43 -7.28 -26.44
N ALA B 315 -14.13 -6.64 -25.32
CA ALA B 315 -13.10 -7.03 -24.36
C ALA B 315 -11.65 -7.00 -24.87
N ASP B 316 -11.32 -6.14 -25.84
CA ASP B 316 -9.94 -5.73 -26.11
C ASP B 316 -9.47 -4.68 -25.10
N ARG B 317 -8.18 -4.64 -24.80
CA ARG B 317 -7.66 -3.56 -23.96
C ARG B 317 -7.33 -2.37 -24.89
N ALA B 318 -8.34 -1.59 -25.26
CA ALA B 318 -8.18 -0.44 -26.15
C ALA B 318 -7.05 0.52 -25.71
N GLY B 319 -6.63 0.53 -24.44
CA GLY B 319 -5.48 1.29 -23.97
C GLY B 319 -5.15 1.05 -22.50
N VAL B 320 -4.19 1.81 -21.97
CA VAL B 320 -3.76 1.78 -20.56
C VAL B 320 -3.49 3.20 -20.07
N LEU B 321 -3.87 3.51 -18.83
CA LEU B 321 -3.44 4.70 -18.10
C LEU B 321 -2.47 4.25 -17.03
N ALA B 322 -1.22 4.72 -17.00
CA ALA B 322 -0.21 4.19 -16.08
C ALA B 322 0.71 5.30 -15.57
N GLY B 323 0.27 6.03 -14.53
CA GLY B 323 0.97 7.18 -13.97
C GLY B 323 1.23 7.15 -12.46
N HIS B 324 0.91 6.05 -11.76
CA HIS B 324 0.86 6.04 -10.29
C HIS B 324 1.92 5.16 -9.65
N ASP B 325 2.43 5.58 -8.50
CA ASP B 325 3.47 4.91 -7.72
C ASP B 325 2.90 3.87 -6.74
N ASN B 326 1.58 3.84 -6.57
CA ASN B 326 0.85 3.00 -5.64
C ASN B 326 -0.59 2.80 -6.15
N ARG B 327 -1.35 1.91 -5.52
CA ARG B 327 -2.69 1.41 -5.91
C ARG B 327 -3.61 2.49 -6.49
N VAL B 328 -4.20 2.27 -7.67
CA VAL B 328 -5.28 3.13 -8.16
C VAL B 328 -6.49 2.86 -7.31
N SER B 329 -6.92 3.79 -6.48
CA SER B 329 -7.98 3.57 -5.51
C SER B 329 -9.35 3.94 -6.02
N CYS B 330 -9.41 4.88 -6.96
CA CYS B 330 -10.65 5.46 -7.46
C CYS B 330 -10.44 5.99 -8.88
N LEU B 331 -11.53 6.10 -9.63
CA LEU B 331 -11.54 6.48 -11.03
C LEU B 331 -12.90 7.10 -11.35
N GLY B 332 -12.97 8.05 -12.28
CA GLY B 332 -14.25 8.63 -12.68
C GLY B 332 -14.19 9.44 -13.95
N VAL B 333 -15.25 9.42 -14.75
CA VAL B 333 -15.37 10.15 -16.01
C VAL B 333 -16.31 11.32 -15.85
N THR B 334 -15.96 12.49 -16.38
CA THR B 334 -16.79 13.69 -16.29
C THR B 334 -18.17 13.51 -16.95
N ASP B 335 -19.16 14.31 -16.56
CA ASP B 335 -20.54 14.17 -17.06
C ASP B 335 -20.71 14.47 -18.56
N ASP B 336 -19.77 15.17 -19.19
CA ASP B 336 -19.67 15.37 -20.65
C ASP B 336 -18.66 14.40 -21.31
N GLY B 337 -18.06 13.52 -20.53
CA GLY B 337 -17.05 12.57 -20.97
C GLY B 337 -15.70 13.19 -21.31
N MET B 338 -15.47 14.48 -21.11
CA MET B 338 -14.26 15.17 -21.56
C MET B 338 -12.97 14.75 -20.85
N ALA B 339 -13.02 14.06 -19.72
CA ALA B 339 -11.82 13.54 -19.06
C ALA B 339 -12.09 12.34 -18.16
N VAL B 340 -11.04 11.58 -17.86
CA VAL B 340 -10.96 10.59 -16.79
C VAL B 340 -10.18 11.21 -15.65
N ALA B 341 -10.59 11.07 -14.41
CA ALA B 341 -9.69 11.28 -13.28
C ALA B 341 -9.44 9.96 -12.58
N THR B 342 -8.27 9.80 -12.01
CA THR B 342 -7.89 8.62 -11.25
C THR B 342 -7.13 9.05 -10.03
N GLY B 343 -7.43 8.49 -8.87
CA GLY B 343 -6.68 8.71 -7.63
C GLY B 343 -6.01 7.46 -7.13
N SER B 344 -5.11 7.59 -6.16
CA SER B 344 -4.24 6.49 -5.78
C SER B 344 -3.57 6.67 -4.44
N TRP B 345 -3.05 5.58 -3.92
CA TRP B 345 -2.45 5.53 -2.59
C TRP B 345 -1.08 6.20 -2.45
N ASP B 346 -0.59 6.83 -3.51
CA ASP B 346 0.59 7.69 -3.52
C ASP B 346 0.24 9.18 -3.28
N SER B 347 -1.05 9.50 -3.11
CA SER B 347 -1.60 10.83 -2.83
C SER B 347 -1.78 11.79 -3.99
N PHE B 348 -1.74 11.32 -5.24
CA PHE B 348 -1.94 12.20 -6.40
C PHE B 348 -3.19 11.82 -7.17
N LEU B 349 -3.94 12.81 -7.65
CA LEU B 349 -4.87 12.57 -8.74
C LEU B 349 -4.14 12.80 -10.06
N LYS B 350 -4.49 12.03 -11.08
CA LYS B 350 -4.13 12.29 -12.48
C LYS B 350 -5.42 12.54 -13.22
N ILE B 351 -5.47 13.54 -14.09
CA ILE B 351 -6.59 13.74 -15.03
C ILE B 351 -6.10 13.42 -16.43
N TRP B 352 -6.85 12.68 -17.22
CA TRP B 352 -6.45 12.13 -18.51
C TRP B 352 -7.47 12.50 -19.60
N ASN B 353 -6.99 12.77 -20.80
CA ASN B 353 -7.81 12.94 -21.99
C ASN B 353 -7.00 12.59 -23.25
N ASN C 4 -32.44 -21.40 17.24
CA ASN C 4 -32.87 -22.09 15.99
C ASN C 4 -33.80 -21.23 15.12
N THR C 5 -34.96 -20.79 15.62
CA THR C 5 -36.04 -20.18 14.79
C THR C 5 -35.65 -18.92 14.01
N ALA C 6 -34.68 -18.13 14.49
CA ALA C 6 -34.13 -17.00 13.76
C ALA C 6 -33.49 -17.44 12.42
N SER C 7 -32.69 -18.51 12.43
CA SER C 7 -32.09 -19.07 11.22
C SER C 7 -33.15 -19.58 10.23
N ILE C 8 -34.26 -20.13 10.72
CA ILE C 8 -35.41 -20.55 9.89
C ILE C 8 -36.00 -19.32 9.16
N ALA C 9 -36.20 -18.21 9.87
CA ALA C 9 -36.68 -16.97 9.27
C ALA C 9 -35.69 -16.35 8.25
N GLN C 10 -34.37 -16.46 8.47
CA GLN C 10 -33.38 -16.05 7.47
C GLN C 10 -33.54 -16.86 6.17
N ALA C 11 -33.66 -18.18 6.25
CA ALA C 11 -33.93 -19.02 5.09
C ALA C 11 -35.27 -18.69 4.43
N ARG C 12 -36.33 -18.40 5.21
CA ARG C 12 -37.63 -17.96 4.67
C ARG C 12 -37.48 -16.66 3.87
N LYS C 13 -36.73 -15.68 4.37
CA LYS C 13 -36.51 -14.41 3.66
C LYS C 13 -35.75 -14.60 2.35
N LEU C 14 -34.77 -15.50 2.30
CA LEU C 14 -34.11 -15.87 1.03
C LEU C 14 -35.10 -16.48 0.04
N VAL C 15 -35.95 -17.42 0.48
CA VAL C 15 -36.98 -18.03 -0.37
C VAL C 15 -37.94 -16.99 -0.91
N GLU C 16 -38.43 -16.07 -0.06
CA GLU C 16 -39.34 -15.00 -0.49
C GLU C 16 -38.71 -14.07 -1.52
N GLN C 17 -37.46 -13.62 -1.30
CA GLN C 17 -36.75 -12.77 -2.27
C GLN C 17 -36.50 -13.51 -3.59
N LEU C 18 -36.02 -14.76 -3.54
CA LEU C 18 -35.80 -15.59 -4.71
C LEU C 18 -37.08 -15.76 -5.53
N LYS C 19 -38.20 -16.08 -4.88
CA LYS C 19 -39.52 -16.19 -5.50
C LYS C 19 -39.94 -14.88 -6.16
N MET C 20 -39.70 -13.76 -5.49
CA MET C 20 -40.02 -12.42 -6.00
C MET C 20 -39.21 -12.03 -7.25
N GLU C 21 -37.91 -12.33 -7.32
CA GLU C 21 -37.09 -12.00 -8.50
C GLU C 21 -37.11 -13.08 -9.61
N ALA C 22 -37.56 -14.30 -9.33
CA ALA C 22 -37.73 -15.34 -10.35
C ALA C 22 -38.81 -14.97 -11.38
N ASN C 23 -39.89 -14.31 -10.94
CA ASN C 23 -41.11 -14.12 -11.74
C ASN C 23 -41.02 -13.08 -12.88
N ILE C 24 -39.97 -12.25 -12.95
CA ILE C 24 -39.85 -11.17 -13.95
C ILE C 24 -39.66 -11.69 -15.40
N ASP C 25 -40.06 -10.89 -16.39
CA ASP C 25 -39.72 -11.13 -17.79
C ASP C 25 -38.24 -10.85 -18.06
N ARG C 26 -37.60 -11.69 -18.88
CA ARG C 26 -36.19 -11.54 -19.30
C ARG C 26 -36.13 -11.35 -20.81
N ILE C 27 -35.65 -10.19 -21.25
CA ILE C 27 -35.62 -9.77 -22.66
C ILE C 27 -34.47 -10.45 -23.39
N LYS C 28 -34.80 -11.10 -24.50
CA LYS C 28 -34.03 -12.16 -25.16
C LYS C 28 -32.65 -11.63 -25.58
N VAL C 29 -31.55 -12.26 -25.10
CA VAL C 29 -30.22 -11.62 -24.97
C VAL C 29 -29.69 -10.95 -26.24
N SER C 30 -29.97 -11.50 -27.43
CA SER C 30 -29.58 -10.89 -28.70
C SER C 30 -30.12 -9.46 -28.85
N LYS C 31 -31.37 -9.19 -28.46
CA LYS C 31 -31.95 -7.85 -28.47
C LYS C 31 -31.26 -6.92 -27.46
N ALA C 32 -30.96 -7.41 -26.27
CA ALA C 32 -30.30 -6.63 -25.23
C ALA C 32 -28.87 -6.23 -25.63
N ALA C 33 -28.07 -7.16 -26.13
CA ALA C 33 -26.75 -6.87 -26.68
C ALA C 33 -26.83 -5.91 -27.89
N ALA C 34 -27.80 -6.09 -28.79
CA ALA C 34 -28.00 -5.18 -29.91
C ALA C 34 -28.37 -3.76 -29.46
N ASP C 35 -29.14 -3.59 -28.38
CA ASP C 35 -29.42 -2.26 -27.83
C ASP C 35 -28.17 -1.58 -27.24
N LEU C 36 -27.28 -2.28 -26.53
CA LEU C 36 -26.02 -1.67 -26.09
C LEU C 36 -25.17 -1.23 -27.28
N MET C 37 -25.06 -2.11 -28.27
CA MET C 37 -24.34 -1.83 -29.50
C MET C 37 -24.93 -0.61 -30.23
N ALA C 38 -26.26 -0.52 -30.33
CA ALA C 38 -26.94 0.64 -30.91
C ALA C 38 -26.71 1.91 -30.11
N TYR C 39 -26.71 1.85 -28.77
CA TYR C 39 -26.43 3.02 -27.93
C TYR C 39 -25.02 3.57 -28.16
N CYS C 40 -24.01 2.70 -28.25
CA CYS C 40 -22.66 3.14 -28.57
C CYS C 40 -22.58 3.82 -29.93
N GLU C 41 -23.12 3.19 -30.99
CA GLU C 41 -23.14 3.80 -32.33
C GLU C 41 -23.85 5.15 -32.35
N ALA C 42 -24.93 5.31 -31.59
CA ALA C 42 -25.68 6.57 -31.52
C ALA C 42 -24.92 7.72 -30.84
N HIS C 43 -23.90 7.43 -30.02
CA HIS C 43 -23.21 8.42 -29.19
C HIS C 43 -21.68 8.46 -29.36
N ALA C 44 -21.10 7.63 -30.23
CA ALA C 44 -19.66 7.62 -30.48
C ALA C 44 -19.12 8.96 -31.02
N LYS C 45 -19.96 9.72 -31.74
CA LYS C 45 -19.66 11.08 -32.20
C LYS C 45 -19.49 12.07 -31.05
N GLU C 46 -20.29 11.94 -29.99
CA GLU C 46 -20.18 12.82 -28.81
C GLU C 46 -18.94 12.51 -27.97
N ASP C 47 -18.65 11.22 -27.75
CA ASP C 47 -17.71 10.74 -26.73
C ASP C 47 -16.27 11.24 -26.91
N PRO C 48 -15.77 12.17 -26.07
CA PRO C 48 -14.44 12.74 -26.21
C PRO C 48 -13.30 11.76 -25.91
N LEU C 49 -13.56 10.68 -25.17
CA LEU C 49 -12.54 9.72 -24.79
C LEU C 49 -12.39 8.64 -25.86
N LEU C 50 -13.51 8.24 -26.48
CA LEU C 50 -13.52 7.37 -27.64
C LEU C 50 -12.99 8.08 -28.89
N THR C 51 -13.57 9.23 -29.22
CA THR C 51 -13.23 10.03 -30.40
C THR C 51 -12.37 11.21 -29.94
N PRO C 52 -11.06 11.25 -30.26
CA PRO C 52 -10.12 12.23 -29.70
C PRO C 52 -10.47 13.67 -30.10
N VAL C 53 -10.00 14.64 -29.32
CA VAL C 53 -10.47 16.05 -29.39
C VAL C 53 -9.31 17.03 -29.62
N PRO C 54 -9.44 18.03 -30.52
CA PRO C 54 -8.41 19.05 -30.74
C PRO C 54 -8.25 20.01 -29.55
N ALA C 55 -7.08 20.61 -29.39
CA ALA C 55 -6.79 21.55 -28.30
C ALA C 55 -7.67 22.81 -28.29
N SER C 56 -8.32 23.16 -29.41
CA SER C 56 -9.31 24.24 -29.49
C SER C 56 -10.63 23.90 -28.79
N GLU C 57 -10.93 22.62 -28.56
CA GLU C 57 -12.14 22.16 -27.87
C GLU C 57 -11.86 21.51 -26.51
N ASN C 58 -10.76 20.75 -26.38
CA ASN C 58 -10.35 20.11 -25.13
C ASN C 58 -9.95 21.15 -24.08
N PRO C 59 -10.68 21.33 -22.96
CA PRO C 59 -10.36 22.33 -21.96
C PRO C 59 -9.10 22.02 -21.15
N PHE C 60 -8.66 20.76 -21.16
CA PHE C 60 -7.43 20.31 -20.50
C PHE C 60 -6.20 20.41 -21.43
N ARG C 61 -6.34 20.93 -22.64
CA ARG C 61 -5.24 21.11 -23.60
C ARG C 61 -4.14 22.04 -23.09
N GLN D 2 -22.12 -18.76 -9.64
CA GLN D 2 -22.39 -18.33 -8.27
C GLN D 2 -21.54 -19.14 -7.28
N VAL D 3 -20.66 -18.45 -6.53
CA VAL D 3 -19.71 -19.10 -5.60
C VAL D 3 -20.46 -19.89 -4.54
N GLN D 4 -20.24 -21.19 -4.52
CA GLN D 4 -20.87 -22.08 -3.55
C GLN D 4 -19.98 -23.30 -3.26
N LEU D 5 -20.18 -23.85 -2.08
CA LEU D 5 -19.50 -25.02 -1.58
C LEU D 5 -20.54 -25.92 -0.92
N GLN D 6 -20.57 -27.20 -1.25
CA GLN D 6 -21.42 -28.18 -0.58
C GLN D 6 -20.56 -29.26 0.11
N GLU D 7 -20.67 -29.35 1.43
CA GLU D 7 -20.05 -30.42 2.21
C GLU D 7 -20.89 -31.71 2.19
N SER D 8 -20.20 -32.85 2.27
CA SER D 8 -20.74 -34.21 2.25
C SER D 8 -19.91 -35.10 3.17
N GLY D 9 -20.49 -36.20 3.66
CA GLY D 9 -19.95 -36.94 4.81
C GLY D 9 -20.32 -36.28 6.13
N GLY D 10 -20.61 -37.07 7.16
CA GLY D 10 -21.11 -36.59 8.45
C GLY D 10 -21.93 -37.63 9.23
N GLY D 11 -22.69 -37.16 10.20
CA GLY D 11 -23.55 -37.95 11.08
C GLY D 11 -22.83 -38.50 12.32
N LEU D 12 -23.45 -39.49 12.97
CA LEU D 12 -22.90 -40.17 14.14
C LEU D 12 -21.77 -41.17 13.78
N VAL D 13 -20.71 -41.20 14.59
CA VAL D 13 -19.61 -42.16 14.50
C VAL D 13 -19.05 -42.44 15.90
N GLN D 14 -18.50 -43.63 16.12
CA GLN D 14 -17.97 -44.05 17.42
C GLN D 14 -16.65 -43.33 17.76
N PRO D 15 -16.40 -42.98 19.04
CA PRO D 15 -15.11 -42.46 19.46
C PRO D 15 -13.98 -43.47 19.20
N GLY D 16 -12.81 -42.98 18.80
CA GLY D 16 -11.72 -43.77 18.22
C GLY D 16 -11.88 -44.10 16.73
N GLY D 17 -13.02 -43.77 16.12
CA GLY D 17 -13.35 -44.08 14.72
C GLY D 17 -12.66 -43.21 13.67
N SER D 18 -13.15 -43.27 12.44
CA SER D 18 -12.64 -42.51 11.28
C SER D 18 -13.77 -42.18 10.29
N LEU D 19 -13.63 -41.07 9.56
CA LEU D 19 -14.64 -40.51 8.63
C LEU D 19 -13.97 -39.53 7.67
N ARG D 20 -14.27 -39.59 6.37
CA ARG D 20 -13.76 -38.63 5.37
C ARG D 20 -14.84 -37.63 4.98
N LEU D 21 -14.57 -36.35 5.25
CA LEU D 21 -15.40 -35.26 4.75
C LEU D 21 -15.00 -34.91 3.31
N SER D 22 -15.98 -34.47 2.55
CA SER D 22 -15.86 -34.05 1.16
C SER D 22 -16.52 -32.69 0.99
N CYS D 23 -15.98 -31.86 0.11
CA CYS D 23 -16.58 -30.61 -0.30
C CYS D 23 -16.45 -30.44 -1.82
N ALA D 24 -17.56 -30.10 -2.49
CA ALA D 24 -17.57 -29.79 -3.91
C ALA D 24 -17.86 -28.30 -4.13
N ALA D 25 -16.98 -27.64 -4.89
CA ALA D 25 -17.10 -26.23 -5.25
C ALA D 25 -17.83 -26.03 -6.59
N SER D 26 -18.46 -24.87 -6.78
CA SER D 26 -18.76 -24.34 -8.12
C SER D 26 -18.84 -22.81 -8.12
N GLY D 27 -18.76 -22.22 -9.30
CA GLY D 27 -18.75 -20.76 -9.49
C GLY D 27 -17.38 -20.10 -9.28
N PHE D 28 -16.31 -20.87 -9.11
CA PHE D 28 -14.95 -20.35 -9.07
C PHE D 28 -13.91 -21.32 -9.62
N THR D 29 -12.83 -20.78 -10.16
CA THR D 29 -11.66 -21.55 -10.60
C THR D 29 -10.87 -21.95 -9.36
N PHE D 30 -11.31 -23.07 -8.76
CA PHE D 30 -10.90 -23.63 -7.48
C PHE D 30 -9.40 -23.64 -7.24
N SER D 31 -8.59 -23.88 -8.27
CA SER D 31 -7.12 -23.87 -8.21
C SER D 31 -6.51 -22.54 -7.73
N ASN D 32 -7.18 -21.40 -7.89
CA ASN D 32 -6.62 -20.10 -7.51
C ASN D 32 -6.75 -19.78 -6.01
N TYR D 33 -7.46 -20.59 -5.23
CA TYR D 33 -7.83 -20.29 -3.84
C TYR D 33 -7.17 -21.21 -2.83
N LYS D 34 -6.55 -20.65 -1.80
CA LYS D 34 -6.26 -21.35 -0.55
C LYS D 34 -7.60 -21.68 0.12
N MET D 35 -7.73 -22.88 0.69
CA MET D 35 -9.00 -23.37 1.19
C MET D 35 -8.85 -24.08 2.52
N ASN D 36 -9.93 -24.16 3.26
CA ASN D 36 -9.88 -24.24 4.71
C ASN D 36 -10.98 -25.16 5.22
N TRP D 37 -10.79 -25.74 6.39
CA TRP D 37 -11.88 -26.27 7.20
C TRP D 37 -11.95 -25.50 8.51
N VAL D 38 -13.18 -25.15 8.90
CA VAL D 38 -13.49 -24.55 10.20
C VAL D 38 -14.64 -25.33 10.80
N ARG D 39 -14.76 -25.35 12.13
CA ARG D 39 -15.78 -26.14 12.82
C ARG D 39 -16.45 -25.36 13.94
N GLN D 40 -17.73 -25.61 14.18
CA GLN D 40 -18.43 -25.08 15.33
C GLN D 40 -18.97 -26.21 16.20
N ALA D 41 -18.48 -26.31 17.44
CA ALA D 41 -19.07 -27.20 18.44
C ALA D 41 -20.42 -26.64 18.98
N PRO D 42 -21.35 -27.50 19.44
CA PRO D 42 -22.65 -27.05 19.94
C PRO D 42 -22.53 -26.04 21.09
N GLY D 43 -23.22 -24.90 20.98
CA GLY D 43 -23.24 -23.83 21.98
C GLY D 43 -21.93 -23.03 22.13
N LYS D 44 -21.00 -23.15 21.18
CA LYS D 44 -19.62 -22.63 21.22
C LYS D 44 -19.25 -21.93 19.90
N GLY D 45 -18.18 -21.14 19.90
CA GLY D 45 -17.73 -20.36 18.73
C GLY D 45 -17.15 -21.21 17.60
N LEU D 46 -17.06 -20.62 16.40
CA LEU D 46 -16.29 -21.18 15.28
C LEU D 46 -14.80 -21.21 15.61
N GLU D 47 -14.13 -22.33 15.35
CA GLU D 47 -12.68 -22.44 15.41
C GLU D 47 -12.11 -22.98 14.10
N TRP D 48 -10.89 -22.57 13.79
CA TRP D 48 -10.17 -23.06 12.63
C TRP D 48 -9.62 -24.47 12.82
N VAL D 49 -9.71 -25.31 11.78
CA VAL D 49 -9.23 -26.70 11.79
C VAL D 49 -7.97 -26.84 10.96
N SER D 50 -7.99 -26.45 9.68
CA SER D 50 -6.89 -26.67 8.75
C SER D 50 -6.96 -25.84 7.47
N ASP D 51 -5.82 -25.70 6.80
CA ASP D 51 -5.63 -25.00 5.53
C ASP D 51 -4.95 -25.89 4.50
N ILE D 52 -5.24 -25.67 3.22
CA ILE D 52 -4.44 -26.14 2.09
C ILE D 52 -4.27 -25.03 1.05
N SER D 53 -3.04 -24.79 0.61
CA SER D 53 -2.70 -23.77 -0.38
C SER D 53 -3.23 -24.12 -1.79
N GLN D 54 -3.09 -23.23 -2.77
CA GLN D 54 -3.51 -23.43 -4.16
C GLN D 54 -2.97 -24.74 -4.75
N SER D 55 -1.66 -24.97 -4.61
CA SER D 55 -0.94 -26.10 -5.20
C SER D 55 -1.06 -27.41 -4.43
N GLY D 56 -1.57 -27.36 -3.20
CA GLY D 56 -1.54 -28.47 -2.25
C GLY D 56 -0.16 -28.73 -1.60
N ALA D 57 0.89 -27.98 -1.97
CA ALA D 57 2.24 -28.18 -1.44
C ALA D 57 2.37 -27.75 0.03
N SER D 58 1.76 -26.61 0.38
CA SER D 58 1.69 -26.09 1.75
C SER D 58 0.31 -26.34 2.36
N ILE D 59 0.31 -26.83 3.59
CA ILE D 59 -0.83 -27.29 4.38
C ILE D 59 -0.60 -26.90 5.85
N SER D 60 -1.65 -26.74 6.65
CA SER D 60 -1.53 -26.49 8.10
C SER D 60 -2.74 -27.01 8.88
N TYR D 61 -2.57 -27.24 10.19
CA TYR D 61 -3.61 -27.75 11.10
C TYR D 61 -3.57 -27.05 12.46
N THR D 62 -4.69 -27.03 13.19
CA THR D 62 -4.71 -26.67 14.61
C THR D 62 -3.99 -27.72 15.48
N GLY D 63 -3.46 -27.31 16.63
CA GLY D 63 -2.71 -28.20 17.53
C GLY D 63 -3.52 -29.37 18.10
N SER D 64 -4.84 -29.24 18.18
CA SER D 64 -5.78 -30.33 18.53
C SER D 64 -5.85 -31.46 17.48
N VAL D 65 -5.33 -31.21 16.27
CA VAL D 65 -5.66 -31.96 15.04
C VAL D 65 -4.43 -32.51 14.32
N LYS D 66 -3.23 -31.99 14.60
CA LYS D 66 -1.98 -32.48 14.00
C LYS D 66 -1.87 -34.01 14.07
N GLY D 67 -1.62 -34.63 12.91
CA GLY D 67 -1.66 -36.08 12.71
C GLY D 67 -3.07 -36.69 12.61
N ARG D 68 -3.99 -36.30 13.49
CA ARG D 68 -5.35 -36.89 13.58
C ARG D 68 -6.23 -36.61 12.36
N PHE D 69 -6.15 -35.44 11.71
CA PHE D 69 -6.89 -35.25 10.45
C PHE D 69 -5.91 -34.92 9.33
N THR D 70 -6.26 -35.25 8.08
CA THR D 70 -5.47 -34.92 6.88
C THR D 70 -6.34 -34.19 5.86
N ILE D 71 -5.93 -32.99 5.44
CA ILE D 71 -6.60 -32.21 4.40
C ILE D 71 -6.00 -32.53 3.02
N SER D 72 -6.81 -32.58 1.96
CA SER D 72 -6.33 -32.76 0.58
C SER D 72 -7.30 -32.15 -0.43
N ARG D 73 -6.86 -31.93 -1.67
CA ARG D 73 -7.64 -31.24 -2.71
C ARG D 73 -7.42 -31.81 -4.12
N ASP D 74 -8.39 -31.60 -4.99
CA ASP D 74 -8.33 -31.98 -6.41
C ASP D 74 -8.74 -30.79 -7.29
N ASN D 75 -7.73 -30.11 -7.85
CA ASN D 75 -7.92 -28.95 -8.71
C ASN D 75 -8.53 -29.28 -10.09
N ALA D 76 -8.62 -30.55 -10.47
CA ALA D 76 -9.28 -30.99 -11.71
C ALA D 76 -10.75 -31.38 -11.46
N LYS D 77 -11.08 -31.90 -10.28
CA LYS D 77 -12.45 -32.23 -9.84
C LYS D 77 -13.17 -31.06 -9.13
N ASN D 78 -12.45 -30.00 -8.76
CA ASN D 78 -12.93 -28.86 -7.96
C ASN D 78 -13.47 -29.30 -6.59
N THR D 79 -12.68 -30.09 -5.85
CA THR D 79 -13.08 -30.66 -4.57
C THR D 79 -11.99 -30.59 -3.51
N LEU D 80 -12.44 -30.48 -2.26
CA LEU D 80 -11.61 -30.41 -1.06
C LEU D 80 -12.06 -31.54 -0.11
N TYR D 81 -11.13 -32.17 0.60
CA TYR D 81 -11.40 -33.30 1.48
C TYR D 81 -10.73 -33.13 2.84
N LEU D 82 -11.29 -33.78 3.85
CA LEU D 82 -10.68 -33.93 5.18
C LEU D 82 -10.84 -35.37 5.65
N GLN D 83 -9.82 -36.20 5.50
CA GLN D 83 -9.80 -37.55 6.04
C GLN D 83 -9.52 -37.46 7.55
N MET D 84 -10.43 -37.94 8.39
CA MET D 84 -10.33 -37.85 9.84
C MET D 84 -10.12 -39.22 10.48
N ASN D 85 -9.15 -39.32 11.38
CA ASN D 85 -8.75 -40.56 12.07
C ASN D 85 -8.78 -40.36 13.60
N SER D 86 -9.02 -41.45 14.33
CA SER D 86 -8.96 -41.48 15.81
C SER D 86 -9.85 -40.44 16.50
N LEU D 87 -11.06 -40.19 15.98
CA LEU D 87 -11.95 -39.10 16.44
C LEU D 87 -12.20 -39.16 17.95
N LYS D 88 -12.01 -38.03 18.65
CA LYS D 88 -12.37 -37.88 20.07
C LYS D 88 -13.82 -37.39 20.19
N PRO D 89 -14.53 -37.63 21.30
CA PRO D 89 -15.82 -36.99 21.57
C PRO D 89 -15.79 -35.46 21.37
N GLU D 90 -14.64 -34.86 21.72
CA GLU D 90 -14.29 -33.44 21.59
C GLU D 90 -14.35 -32.90 20.15
N ASP D 91 -14.25 -33.76 19.13
CA ASP D 91 -14.39 -33.39 17.71
C ASP D 91 -15.85 -33.23 17.26
N THR D 92 -16.83 -33.39 18.15
CA THR D 92 -18.25 -33.20 17.84
C THR D 92 -18.56 -31.75 17.48
N ALA D 93 -18.86 -31.48 16.19
CA ALA D 93 -19.07 -30.15 15.63
C ALA D 93 -19.75 -30.20 14.25
N VAL D 94 -20.34 -29.09 13.81
CA VAL D 94 -20.56 -28.85 12.37
C VAL D 94 -19.23 -28.47 11.74
N TYR D 95 -18.84 -29.12 10.65
CA TYR D 95 -17.64 -28.80 9.89
C TYR D 95 -18.02 -28.09 8.60
N TYR D 96 -17.37 -26.96 8.32
CA TYR D 96 -17.59 -26.14 7.15
C TYR D 96 -16.35 -26.09 6.27
N CYS D 97 -16.55 -26.31 4.98
CA CYS D 97 -15.59 -26.02 3.93
C CYS D 97 -15.63 -24.53 3.66
N ALA D 98 -14.53 -23.83 3.90
CA ALA D 98 -14.40 -22.40 3.69
C ALA D 98 -13.28 -22.09 2.70
N ARG D 99 -13.42 -21.01 1.95
CA ARG D 99 -12.46 -20.55 0.95
C ARG D 99 -11.85 -19.23 1.38
N CYS D 100 -10.56 -19.01 1.17
CA CYS D 100 -10.01 -17.66 1.32
C CYS D 100 -10.67 -16.69 0.33
N PRO D 101 -10.82 -15.40 0.69
CA PRO D 101 -11.75 -14.52 0.02
C PRO D 101 -11.29 -14.15 -1.39
N ALA D 102 -10.05 -13.73 -1.56
CA ALA D 102 -9.44 -13.34 -2.81
C ALA D 102 -8.51 -14.45 -3.34
N PRO D 103 -8.42 -14.65 -4.66
CA PRO D 103 -7.46 -15.58 -5.25
C PRO D 103 -6.01 -15.09 -5.07
N PHE D 104 -5.04 -15.99 -5.25
CA PHE D 104 -3.60 -15.71 -5.31
C PHE D 104 -2.90 -15.16 -4.05
N THR D 105 -3.40 -15.38 -2.82
CA THR D 105 -2.78 -14.83 -1.59
C THR D 105 -2.73 -15.82 -0.41
N ARG D 106 -1.91 -15.52 0.62
CA ARG D 106 -1.77 -16.35 1.85
C ARG D 106 -2.62 -15.92 3.05
N ASP D 107 -3.11 -14.69 3.08
CA ASP D 107 -4.02 -14.18 4.12
C ASP D 107 -5.46 -14.67 3.90
N CYS D 108 -6.20 -14.92 5.01
CA CYS D 108 -7.55 -15.48 4.99
C CYS D 108 -8.35 -14.99 6.21
N PHE D 109 -8.50 -13.67 6.37
CA PHE D 109 -8.98 -13.09 7.63
C PHE D 109 -10.30 -13.70 8.13
N ASP D 110 -11.26 -13.78 7.22
CA ASP D 110 -12.66 -13.82 7.60
C ASP D 110 -13.27 -15.23 7.54
N VAL D 111 -12.46 -16.26 7.29
CA VAL D 111 -12.95 -17.65 7.16
C VAL D 111 -13.57 -18.19 8.45
N THR D 112 -13.23 -17.63 9.61
CA THR D 112 -13.79 -17.98 10.92
C THR D 112 -14.90 -17.00 11.35
N SER D 113 -15.22 -15.97 10.56
CA SER D 113 -16.24 -14.96 10.91
C SER D 113 -17.64 -15.56 10.96
N THR D 114 -18.48 -15.15 11.90
CA THR D 114 -19.82 -15.70 12.16
C THR D 114 -20.67 -15.74 10.89
N THR D 115 -20.79 -14.62 10.18
CA THR D 115 -21.26 -14.57 8.79
C THR D 115 -20.05 -14.42 7.88
N TYR D 116 -20.02 -15.19 6.79
CA TYR D 116 -18.97 -15.14 5.78
C TYR D 116 -19.50 -15.70 4.46
N ALA D 117 -19.18 -15.05 3.34
CA ALA D 117 -19.79 -15.35 2.05
C ALA D 117 -19.29 -16.65 1.39
N TYR D 118 -18.06 -17.07 1.70
CA TYR D 118 -17.35 -18.12 0.96
C TYR D 118 -17.11 -19.36 1.82
N ARG D 119 -18.18 -19.85 2.45
CA ARG D 119 -18.22 -21.19 3.06
C ARG D 119 -19.50 -21.92 2.69
N GLY D 120 -19.50 -23.24 2.81
CA GLY D 120 -20.70 -24.05 2.57
C GLY D 120 -21.68 -24.00 3.74
N GLN D 121 -22.73 -24.83 3.66
CA GLN D 121 -23.72 -24.97 4.73
C GLN D 121 -23.17 -25.76 5.93
N GLY D 122 -22.12 -26.54 5.73
CA GLY D 122 -21.50 -27.41 6.71
C GLY D 122 -22.26 -28.72 6.94
N THR D 123 -21.58 -29.74 7.46
CA THR D 123 -22.19 -31.02 7.87
C THR D 123 -21.89 -31.32 9.34
N GLN D 124 -22.88 -31.85 10.05
CA GLN D 124 -22.71 -32.36 11.42
C GLN D 124 -21.75 -33.55 11.44
N VAL D 125 -20.81 -33.56 12.38
CA VAL D 125 -20.07 -34.74 12.81
C VAL D 125 -20.32 -34.92 14.31
N THR D 126 -20.90 -36.05 14.70
CA THR D 126 -21.17 -36.38 16.11
C THR D 126 -20.34 -37.60 16.49
N VAL D 127 -19.60 -37.51 17.59
CA VAL D 127 -18.70 -38.59 18.03
C VAL D 127 -19.19 -39.18 19.35
N SER D 128 -19.93 -40.29 19.29
CA SER D 128 -20.54 -40.95 20.46
C SER D 128 -20.94 -42.41 20.16
N SER D 129 -21.20 -43.20 21.20
CA SER D 129 -21.56 -44.63 21.09
C SER D 129 -22.86 -44.87 20.32
N SER E 69 52.58 3.74 -27.51
CA SER E 69 51.13 3.84 -27.53
C SER E 69 50.52 4.52 -26.30
N VAL E 70 51.36 4.94 -25.34
CA VAL E 70 50.95 5.51 -24.04
C VAL E 70 50.05 6.73 -24.17
N ARG E 71 50.34 7.67 -25.09
CA ARG E 71 49.49 8.85 -25.32
C ARG E 71 48.16 8.51 -25.98
N ILE E 72 48.14 7.57 -26.94
CA ILE E 72 46.91 7.06 -27.57
C ILE E 72 45.98 6.45 -26.50
N LEU E 73 46.54 5.57 -25.67
CA LEU E 73 45.85 4.89 -24.57
C LEU E 73 45.36 5.86 -23.50
N THR E 74 46.20 6.81 -23.09
CA THR E 74 45.84 7.85 -22.12
C THR E 74 44.71 8.74 -22.63
N ALA E 75 44.71 9.12 -23.91
CA ALA E 75 43.58 9.86 -24.49
C ALA E 75 42.27 9.07 -24.45
N CYS E 76 42.33 7.77 -24.74
CA CYS E 76 41.16 6.89 -24.69
C CYS E 76 40.57 6.79 -23.27
N PHE E 77 41.40 6.53 -22.25
CA PHE E 77 40.94 6.44 -20.87
C PHE E 77 40.29 7.76 -20.39
N LEU E 78 40.98 8.90 -20.54
CA LEU E 78 40.47 10.18 -20.05
C LEU E 78 39.20 10.61 -20.78
N SER E 79 39.11 10.40 -22.10
CA SER E 79 37.89 10.69 -22.86
C SER E 79 36.70 9.85 -22.37
N LEU E 80 36.91 8.54 -22.20
CA LEU E 80 35.89 7.64 -21.68
C LEU E 80 35.45 8.05 -20.27
N LEU E 81 36.40 8.28 -19.35
CA LEU E 81 36.14 8.70 -17.97
C LEU E 81 35.35 10.01 -17.88
N ILE E 82 35.63 10.99 -18.75
CA ILE E 82 34.82 12.21 -18.84
C ILE E 82 33.38 11.87 -19.24
N LEU E 83 33.18 11.07 -20.29
CA LEU E 83 31.84 10.66 -20.71
C LEU E 83 31.11 9.85 -19.63
N SER E 84 31.79 8.93 -18.93
CA SER E 84 31.21 8.19 -17.82
C SER E 84 30.76 9.13 -16.70
N THR E 85 31.58 10.11 -16.37
CA THR E 85 31.24 11.12 -15.37
C THR E 85 30.07 11.99 -15.82
N LEU E 86 30.11 12.54 -17.03
CA LEU E 86 29.01 13.32 -17.61
C LEU E 86 27.70 12.53 -17.57
N LEU E 87 27.71 11.30 -18.09
CA LEU E 87 26.49 10.51 -18.20
C LEU E 87 25.93 10.19 -16.82
N GLY E 88 26.71 9.58 -15.92
CA GLY E 88 26.23 9.20 -14.61
C GLY E 88 25.69 10.39 -13.82
N ASN E 89 26.44 11.49 -13.73
CA ASN E 89 25.98 12.68 -13.01
C ASN E 89 24.76 13.33 -13.67
N THR E 90 24.65 13.29 -15.00
CA THR E 90 23.47 13.81 -15.68
C THR E 90 22.26 12.90 -15.49
N LEU E 91 22.39 11.58 -15.51
CA LEU E 91 21.27 10.67 -15.24
C LEU E 91 20.64 10.95 -13.87
N VAL E 92 21.45 11.21 -12.84
CA VAL E 92 20.95 11.57 -11.52
C VAL E 92 20.17 12.88 -11.54
N CYS E 93 20.66 13.90 -12.24
CA CYS E 93 19.93 15.15 -12.39
C CYS E 93 18.64 14.95 -13.19
N ALA E 94 18.71 14.25 -14.32
CA ALA E 94 17.62 13.97 -15.24
C ALA E 94 16.48 13.20 -14.55
N ALA E 95 16.82 12.18 -13.76
CA ALA E 95 15.84 11.41 -12.99
C ALA E 95 15.11 12.29 -11.97
N VAL E 96 15.80 13.20 -11.29
CA VAL E 96 15.18 14.10 -10.31
C VAL E 96 14.28 15.16 -10.96
N ILE E 97 14.67 15.73 -12.10
CA ILE E 97 13.82 16.71 -12.78
C ILE E 97 12.64 16.04 -13.52
N ARG E 98 12.76 14.77 -13.93
CA ARG E 98 11.66 14.02 -14.55
C ARG E 98 10.65 13.49 -13.53
N PHE E 99 11.11 12.77 -12.50
CA PHE E 99 10.23 12.03 -11.59
C PHE E 99 10.11 12.72 -10.23
N ARG E 100 8.88 13.01 -9.81
CA ARG E 100 8.58 13.84 -8.64
C ARG E 100 8.99 13.18 -7.33
N HIS E 101 8.79 11.87 -7.19
CA HIS E 101 9.05 11.14 -5.94
C HIS E 101 10.52 11.11 -5.56
N LEU E 102 11.44 11.04 -6.52
CA LEU E 102 12.89 11.13 -6.25
C LEU E 102 13.30 12.51 -5.73
N ARG E 103 12.58 13.55 -6.13
CA ARG E 103 12.76 14.91 -5.61
C ARG E 103 12.07 15.12 -4.25
N SER E 104 11.07 14.33 -3.87
CA SER E 104 10.34 14.52 -2.61
C SER E 104 11.18 14.25 -1.36
N LYS E 105 12.03 13.22 -1.35
CA LYS E 105 12.82 12.82 -0.18
C LYS E 105 13.96 13.81 0.08
N VAL E 106 14.06 14.38 1.28
CA VAL E 106 15.11 15.35 1.60
C VAL E 106 16.52 14.75 1.53
N THR E 107 16.70 13.45 1.77
CA THR E 107 18.00 12.77 1.55
C THR E 107 18.52 13.00 0.14
N ASN E 108 17.64 13.05 -0.85
CA ASN E 108 18.04 13.16 -2.23
C ASN E 108 18.44 14.59 -2.62
N PHE E 109 18.14 15.61 -1.80
CA PHE E 109 18.71 16.95 -2.01
C PHE E 109 20.24 16.89 -1.96
N PHE E 110 20.79 16.14 -1.00
CA PHE E 110 22.22 15.93 -0.90
C PHE E 110 22.78 15.10 -2.06
N VAL E 111 22.04 14.13 -2.56
CA VAL E 111 22.43 13.36 -3.75
C VAL E 111 22.45 14.25 -4.99
N ILE E 112 21.46 15.10 -5.21
CA ILE E 112 21.44 16.08 -6.31
C ILE E 112 22.64 17.01 -6.19
N SER E 113 22.86 17.55 -5.00
CA SER E 113 23.98 18.42 -4.72
C SER E 113 25.33 17.74 -4.98
N LEU E 114 25.51 16.48 -4.59
CA LEU E 114 26.69 15.70 -4.93
C LEU E 114 26.83 15.54 -6.45
N ALA E 115 25.77 15.07 -7.12
CA ALA E 115 25.80 14.84 -8.55
C ALA E 115 26.07 16.11 -9.35
N VAL E 116 25.61 17.28 -8.91
CA VAL E 116 25.99 18.55 -9.53
C VAL E 116 27.45 18.89 -9.28
N SER E 117 28.01 18.69 -8.09
CA SER E 117 29.44 18.91 -7.89
C SER E 117 30.29 18.03 -8.79
N ASP E 118 29.88 16.78 -8.95
CA ASP E 118 30.51 15.83 -9.84
C ASP E 118 30.33 16.19 -11.31
N LEU E 119 29.15 16.68 -11.71
CA LEU E 119 28.92 17.20 -13.05
C LEU E 119 29.82 18.40 -13.34
N LEU E 120 30.06 19.29 -12.37
CA LEU E 120 31.03 20.36 -12.55
C LEU E 120 32.47 19.83 -12.66
N VAL E 121 32.88 18.80 -11.91
CA VAL E 121 34.16 18.13 -12.19
C VAL E 121 34.23 17.64 -13.64
N ALA E 122 33.12 17.13 -14.18
CA ALA E 122 33.05 16.67 -15.56
C ALA E 122 33.11 17.78 -16.61
N VAL E 123 32.54 18.96 -16.35
CA VAL E 123 32.38 20.04 -17.35
C VAL E 123 33.40 21.17 -17.19
N LEU E 124 33.67 21.59 -15.95
CA LEU E 124 34.55 22.72 -15.64
C LEU E 124 35.99 22.30 -15.39
N VAL E 125 36.29 21.02 -15.11
CA VAL E 125 37.61 20.60 -14.62
C VAL E 125 38.29 19.57 -15.52
N MET E 126 37.77 18.34 -15.56
CA MET E 126 38.41 17.22 -16.26
C MET E 126 38.76 17.49 -17.73
N PRO E 127 37.90 18.12 -18.58
CA PRO E 127 38.17 18.23 -20.01
C PRO E 127 39.44 19.01 -20.29
N TRP E 128 39.64 20.11 -19.58
CA TRP E 128 40.71 21.06 -19.85
C TRP E 128 42.06 20.50 -19.41
N LYS E 129 42.13 19.76 -18.28
CA LYS E 129 43.33 18.99 -17.97
C LYS E 129 43.51 17.81 -18.94
N ALA E 130 42.44 17.14 -19.36
CA ALA E 130 42.58 16.04 -20.31
C ALA E 130 43.18 16.50 -21.63
N VAL E 131 42.70 17.61 -22.21
CA VAL E 131 43.30 18.19 -23.42
C VAL E 131 44.77 18.56 -23.17
N ALA E 132 45.08 19.26 -22.08
CA ALA E 132 46.46 19.57 -21.73
C ALA E 132 47.36 18.32 -21.50
N GLU E 133 46.81 17.22 -21.03
CA GLU E 133 47.53 15.96 -20.82
C GLU E 133 47.67 15.14 -22.12
N ILE E 134 46.74 15.30 -23.07
CA ILE E 134 46.85 14.73 -24.42
C ILE E 134 47.90 15.53 -25.22
N ALA E 135 47.78 16.85 -25.22
CA ALA E 135 48.69 17.77 -25.91
C ALA E 135 50.10 17.80 -25.31
N GLY E 136 50.23 17.60 -23.99
CA GLY E 136 51.48 17.70 -23.24
C GLY E 136 51.88 19.13 -22.82
N PHE E 137 51.03 20.12 -23.09
CA PHE E 137 51.15 21.51 -22.67
C PHE E 137 49.76 22.13 -22.49
N TRP E 138 49.63 23.19 -21.68
CA TRP E 138 48.38 23.91 -21.44
C TRP E 138 48.06 24.90 -22.56
N PRO E 139 47.03 24.71 -23.40
CA PRO E 139 46.77 25.59 -24.55
C PRO E 139 45.89 26.81 -24.22
N PHE E 140 45.11 26.76 -23.14
CA PHE E 140 44.04 27.74 -22.86
C PHE E 140 44.53 29.06 -22.23
N GLY E 141 45.82 29.16 -21.89
CA GLY E 141 46.46 30.41 -21.46
C GLY E 141 45.90 30.95 -20.15
N SER E 142 45.47 32.21 -20.15
CA SER E 142 44.97 32.95 -18.98
C SER E 142 43.77 32.33 -18.26
N PHE E 143 43.12 31.32 -18.85
CA PHE E 143 42.12 30.49 -18.18
C PHE E 143 42.70 29.69 -16.99
N CYS E 144 44.02 29.52 -16.88
CA CYS E 144 44.66 28.69 -15.85
C CYS E 144 44.19 28.97 -14.42
N ASN E 145 44.21 30.21 -13.93
CA ASN E 145 43.81 30.47 -12.54
C ASN E 145 42.30 30.22 -12.33
N ILE E 146 41.46 30.56 -13.31
CA ILE E 146 40.04 30.20 -13.26
C ILE E 146 39.87 28.68 -13.19
N TRP E 147 40.57 27.93 -14.02
CA TRP E 147 40.55 26.48 -13.97
C TRP E 147 41.05 25.93 -12.62
N VAL E 148 42.08 26.53 -12.01
CA VAL E 148 42.50 26.11 -10.67
C VAL E 148 41.38 26.37 -9.66
N ALA E 149 40.71 27.53 -9.71
CA ALA E 149 39.59 27.77 -8.81
C ALA E 149 38.43 26.78 -9.03
N PHE E 150 38.10 26.46 -10.28
CA PHE E 150 37.14 25.40 -10.58
C PHE E 150 37.57 24.05 -10.01
N ASP E 151 38.82 23.66 -10.17
CA ASP E 151 39.33 22.40 -9.65
C ASP E 151 39.21 22.31 -8.13
N ILE E 152 39.77 23.27 -7.37
CA ILE E 152 39.63 23.26 -5.92
C ILE E 152 38.15 23.25 -5.51
N MET E 153 37.31 24.04 -6.18
CA MET E 153 35.90 24.18 -5.82
C MET E 153 35.15 22.87 -6.04
N CYS E 154 35.22 22.29 -7.24
CA CYS E 154 34.47 21.11 -7.57
C CYS E 154 35.01 19.87 -6.84
N SER E 155 36.33 19.77 -6.67
CA SER E 155 36.91 18.74 -5.79
C SER E 155 36.40 18.90 -4.36
N THR E 156 36.46 20.10 -3.78
CA THR E 156 35.97 20.30 -2.42
C THR E 156 34.48 20.09 -2.32
N ALA E 157 33.70 20.54 -3.30
CA ALA E 157 32.26 20.37 -3.27
C ALA E 157 31.89 18.90 -3.30
N SER E 158 32.55 18.10 -4.13
CA SER E 158 32.35 16.66 -4.14
C SER E 158 32.70 16.05 -2.79
N ILE E 159 33.86 16.35 -2.20
CA ILE E 159 34.24 15.76 -0.91
C ILE E 159 33.33 16.21 0.22
N LEU E 160 32.98 17.50 0.30
CA LEU E 160 32.07 17.98 1.32
C LEU E 160 30.66 17.42 1.14
N ASN E 161 30.17 17.21 -0.08
CA ASN E 161 28.89 16.53 -0.27
C ASN E 161 28.94 15.07 0.19
N LEU E 162 30.01 14.33 -0.04
CA LEU E 162 30.16 12.99 0.53
C LEU E 162 30.16 13.01 2.06
N CYS E 163 30.77 14.02 2.68
CA CYS E 163 30.74 14.20 4.12
C CYS E 163 29.34 14.55 4.64
N VAL E 164 28.65 15.51 4.03
CA VAL E 164 27.29 15.90 4.39
C VAL E 164 26.30 14.75 4.25
N ILE E 165 26.41 13.94 3.19
CA ILE E 165 25.64 12.71 3.06
C ILE E 165 25.91 11.76 4.23
N SER E 166 27.16 11.59 4.67
CA SER E 166 27.41 10.71 5.81
C SER E 166 26.79 11.23 7.10
N VAL E 167 26.68 12.55 7.29
CA VAL E 167 26.03 13.16 8.45
C VAL E 167 24.51 13.01 8.37
N ASP E 168 23.90 13.25 7.21
CA ASP E 168 22.49 12.94 6.95
C ASP E 168 22.16 11.48 7.26
N ARG E 169 22.89 10.51 6.69
CA ARG E 169 22.66 9.09 6.95
C ARG E 169 22.86 8.71 8.40
N TYR E 170 23.86 9.25 9.08
CA TYR E 170 24.09 8.97 10.49
C TYR E 170 23.02 9.60 11.36
N TRP E 171 22.52 10.79 11.04
CA TRP E 171 21.46 11.41 11.82
C TRP E 171 20.16 10.59 11.71
N ALA E 172 19.80 10.19 10.50
CA ALA E 172 18.65 9.33 10.24
C ALA E 172 18.73 8.00 10.98
N ILE E 173 19.86 7.32 10.97
CA ILE E 173 20.03 6.05 11.68
C ILE E 173 20.21 6.23 13.19
N SER E 174 20.95 7.22 13.67
CA SER E 174 21.25 7.39 15.10
C SER E 174 20.08 7.94 15.90
N SER E 175 19.30 8.86 15.32
CA SER E 175 18.22 9.56 16.04
C SER E 175 16.99 9.74 15.14
N PRO E 176 16.30 8.65 14.77
CA PRO E 176 15.30 8.66 13.70
C PRO E 176 14.12 9.60 13.95
N PHE E 177 13.67 9.77 15.19
CA PHE E 177 12.60 10.71 15.50
C PHE E 177 13.06 12.16 15.35
N ARG E 178 14.22 12.51 15.90
CA ARG E 178 14.77 13.88 15.78
C ARG E 178 15.08 14.20 14.32
N TYR E 179 15.54 13.22 13.54
CA TYR E 179 15.73 13.36 12.11
C TYR E 179 14.43 13.70 11.38
N GLU E 180 13.33 12.97 11.60
CA GLU E 180 12.04 13.31 10.98
C GLU E 180 11.58 14.73 11.33
N ARG E 181 11.80 15.13 12.58
CA ARG E 181 11.41 16.43 13.12
C ARG E 181 12.23 17.59 12.53
N LYS E 182 13.56 17.44 12.50
CA LYS E 182 14.54 18.51 12.22
C LYS E 182 15.09 18.55 10.80
N MET E 183 15.12 17.45 10.03
CA MET E 183 15.63 17.47 8.64
C MET E 183 14.59 18.05 7.67
N THR E 184 14.14 19.26 7.95
CA THR E 184 13.29 20.05 7.06
C THR E 184 14.11 20.51 5.85
N PRO E 185 13.46 20.91 4.74
CA PRO E 185 14.15 21.51 3.60
C PRO E 185 15.09 22.67 4.00
N LYS E 186 14.70 23.50 4.98
CA LYS E 186 15.57 24.52 5.58
C LYS E 186 16.91 23.94 6.07
N ALA E 187 16.90 22.91 6.90
CA ALA E 187 18.14 22.32 7.42
C ALA E 187 19.01 21.73 6.29
N ALA E 188 18.40 21.06 5.31
CA ALA E 188 19.13 20.54 4.17
C ALA E 188 19.73 21.65 3.29
N PHE E 189 19.00 22.72 2.97
CA PHE E 189 19.54 23.86 2.23
C PHE E 189 20.64 24.59 2.99
N ILE E 190 20.60 24.66 4.33
CA ILE E 190 21.72 25.13 5.14
C ILE E 190 22.93 24.22 4.94
N LEU E 191 22.83 22.91 5.16
CA LEU E 191 23.99 22.03 4.99
C LEU E 191 24.53 22.00 3.55
N ILE E 192 23.67 22.03 2.54
CA ILE E 192 24.07 22.16 1.13
C ILE E 192 24.77 23.49 0.89
N SER E 193 24.21 24.61 1.34
CA SER E 193 24.82 25.92 1.11
C SER E 193 26.11 26.11 1.92
N VAL E 194 26.24 25.50 3.09
CA VAL E 194 27.51 25.46 3.84
C VAL E 194 28.57 24.69 3.07
N ALA E 195 28.26 23.50 2.55
CA ALA E 195 29.22 22.74 1.74
C ALA E 195 29.68 23.53 0.51
N TRP E 196 28.76 24.04 -0.31
CA TRP E 196 29.12 24.80 -1.51
C TRP E 196 29.77 26.15 -1.20
N THR E 197 29.33 26.88 -0.17
CA THR E 197 29.99 28.12 0.26
C THR E 197 31.42 27.83 0.67
N LEU E 198 31.67 26.80 1.47
CA LEU E 198 33.03 26.45 1.87
C LEU E 198 33.88 26.01 0.66
N SER E 199 33.31 25.37 -0.36
CA SER E 199 34.00 25.11 -1.62
C SER E 199 34.29 26.36 -2.44
N VAL E 200 33.40 27.36 -2.49
CA VAL E 200 33.67 28.62 -3.19
C VAL E 200 34.75 29.41 -2.45
N LEU E 201 34.58 29.56 -1.14
CA LEU E 201 35.47 30.27 -0.23
C LEU E 201 36.90 29.75 -0.29
N ILE E 202 37.12 28.43 -0.15
CA ILE E 202 38.45 27.83 -0.17
C ILE E 202 39.15 27.96 -1.54
N SER E 203 38.40 28.25 -2.60
CA SER E 203 38.90 28.19 -3.97
C SER E 203 39.15 29.57 -4.54
N PHE E 204 38.12 30.35 -4.81
CA PHE E 204 38.28 31.61 -5.51
C PHE E 204 39.07 32.62 -4.70
N ILE E 205 38.79 32.77 -3.41
CA ILE E 205 39.47 33.80 -2.62
C ILE E 205 40.99 33.55 -2.54
N PRO E 206 41.49 32.36 -2.14
CA PRO E 206 42.92 32.07 -2.17
C PRO E 206 43.56 32.12 -3.56
N VAL E 207 42.79 31.97 -4.64
CA VAL E 207 43.29 32.08 -6.02
C VAL E 207 43.38 33.54 -6.46
N GLN E 208 42.33 34.34 -6.30
CA GLN E 208 42.34 35.74 -6.74
C GLN E 208 43.27 36.61 -5.86
N LEU E 209 43.40 36.29 -4.58
CA LEU E 209 44.42 36.88 -3.71
C LEU E 209 45.81 36.22 -3.88
N SER E 210 45.94 35.22 -4.75
CA SER E 210 47.19 34.52 -5.07
C SER E 210 47.93 33.89 -3.87
N TRP E 211 47.23 33.57 -2.78
CA TRP E 211 47.77 32.83 -1.64
C TRP E 211 48.12 31.38 -1.97
N HIS E 212 47.38 30.78 -2.93
CA HIS E 212 47.54 29.37 -3.28
C HIS E 212 48.90 29.01 -3.89
N LYS E 213 49.49 29.86 -4.75
CA LYS E 213 50.70 29.51 -5.52
C LYS E 213 52.00 29.49 -4.69
N ALA E 214 53.00 28.76 -5.18
CA ALA E 214 54.26 28.48 -4.48
C ALA E 214 55.02 29.71 -3.93
N LYS E 215 55.86 29.48 -2.92
CA LYS E 215 56.51 30.52 -2.10
C LYS E 215 57.52 31.49 -2.77
N PRO E 216 58.19 31.20 -3.91
CA PRO E 216 59.18 32.12 -4.49
C PRO E 216 58.64 33.52 -4.84
N ASN E 233 52.93 28.04 -18.93
CA ASN E 233 52.23 26.79 -18.67
C ASN E 233 51.57 26.77 -17.28
N CYS E 234 50.42 26.07 -17.14
CA CYS E 234 49.64 26.00 -15.91
C CYS E 234 50.21 24.98 -14.91
N ASP E 235 51.35 25.29 -14.29
CA ASP E 235 52.16 24.34 -13.51
C ASP E 235 51.53 23.90 -12.16
N SER E 236 50.60 24.66 -11.60
CA SER E 236 49.78 24.25 -10.43
C SER E 236 50.58 23.79 -9.20
N SER E 237 51.61 24.53 -8.80
CA SER E 237 52.41 24.25 -7.60
C SER E 237 51.99 25.17 -6.45
N LEU E 238 51.75 24.61 -5.26
CA LEU E 238 51.03 25.28 -4.18
C LEU E 238 51.89 25.58 -2.94
N SER E 239 51.63 26.71 -2.29
CA SER E 239 52.30 27.14 -1.06
C SER E 239 52.03 26.18 0.10
N ARG E 240 52.99 26.00 1.00
CA ARG E 240 52.89 25.00 2.08
C ARG E 240 51.72 25.26 3.03
N THR E 241 51.51 26.49 3.46
CA THR E 241 50.38 26.80 4.35
C THR E 241 49.03 26.62 3.64
N TYR E 242 48.88 27.04 2.39
CA TYR E 242 47.62 26.79 1.67
C TYR E 242 47.39 25.30 1.39
N ALA E 243 48.42 24.56 0.96
CA ALA E 243 48.28 23.15 0.68
C ALA E 243 47.86 22.36 1.93
N ILE E 244 48.55 22.52 3.05
CA ILE E 244 48.18 21.84 4.30
C ILE E 244 46.79 22.31 4.76
N SER E 245 46.57 23.62 4.92
CA SER E 245 45.32 24.12 5.49
C SER E 245 44.11 23.83 4.62
N SER E 246 44.26 23.87 3.29
CA SER E 246 43.20 23.51 2.35
C SER E 246 42.98 22.00 2.30
N SER E 247 44.02 21.17 2.46
CA SER E 247 43.85 19.73 2.63
C SER E 247 43.12 19.38 3.93
N VAL E 248 43.40 20.08 5.03
CA VAL E 248 42.70 19.84 6.29
C VAL E 248 41.21 20.16 6.16
N ILE E 249 40.89 21.37 5.69
CA ILE E 249 39.51 21.81 5.52
C ILE E 249 38.76 20.98 4.48
N SER E 250 39.35 20.73 3.31
CA SER E 250 38.66 20.05 2.21
C SER E 250 38.67 18.53 2.32
N PHE E 251 39.61 17.92 3.06
CA PHE E 251 39.73 16.46 3.11
C PHE E 251 39.90 15.89 4.52
N TYR E 252 40.92 16.23 5.29
CA TYR E 252 41.15 15.48 6.53
C TYR E 252 40.06 15.67 7.59
N ILE E 253 39.44 16.84 7.69
CA ILE E 253 38.24 17.03 8.52
C ILE E 253 37.07 16.18 8.01
N PRO E 254 36.62 16.29 6.75
CA PRO E 254 35.54 15.45 6.27
C PRO E 254 35.85 13.94 6.30
N VAL E 255 37.09 13.50 6.20
CA VAL E 255 37.45 12.09 6.44
C VAL E 255 37.28 11.68 7.90
N ALA E 256 37.68 12.51 8.85
CA ALA E 256 37.44 12.19 10.26
C ALA E 256 35.93 12.11 10.55
N ILE E 257 35.14 13.01 9.98
CA ILE E 257 33.69 12.96 10.06
C ILE E 257 33.16 11.66 9.45
N MET E 258 33.45 11.36 8.18
CA MET E 258 32.96 10.15 7.54
C MET E 258 33.42 8.86 8.24
N ILE E 259 34.62 8.81 8.80
CA ILE E 259 35.04 7.65 9.59
C ILE E 259 34.19 7.52 10.85
N VAL E 260 33.94 8.60 11.60
CA VAL E 260 33.10 8.52 12.80
C VAL E 260 31.66 8.15 12.44
N THR E 261 31.03 8.82 11.48
CA THR E 261 29.65 8.53 11.12
C THR E 261 29.49 7.09 10.61
N TYR E 262 30.30 6.60 9.68
CA TYR E 262 30.18 5.22 9.25
C TYR E 262 30.65 4.19 10.29
N THR E 263 31.50 4.55 11.25
CA THR E 263 31.78 3.66 12.40
C THR E 263 30.58 3.56 13.33
N ARG E 264 29.93 4.67 13.66
CA ARG E 264 28.72 4.64 14.49
C ARG E 264 27.57 3.94 13.76
N ILE E 265 27.40 4.14 12.45
CA ILE E 265 26.44 3.38 11.65
C ILE E 265 26.77 1.90 11.68
N TYR E 266 28.03 1.48 11.57
CA TYR E 266 28.39 0.07 11.73
C TYR E 266 27.95 -0.49 13.08
N ARG E 267 28.25 0.20 14.19
CA ARG E 267 27.84 -0.27 15.53
C ARG E 267 26.32 -0.37 15.69
N ILE E 268 25.54 0.55 15.14
CA ILE E 268 24.08 0.47 15.12
C ILE E 268 23.60 -0.71 14.28
N ALA E 269 24.12 -0.88 13.06
CA ALA E 269 23.77 -2.00 12.21
C ALA E 269 24.16 -3.34 12.85
N GLN E 270 25.28 -3.46 13.55
CA GLN E 270 25.64 -4.65 14.33
C GLN E 270 24.62 -4.95 15.43
N LYS E 271 24.17 -3.95 16.20
CA LYS E 271 23.13 -4.16 17.22
C LYS E 271 21.82 -4.64 16.60
N GLN E 272 21.31 -3.97 15.57
CA GLN E 272 20.09 -4.41 14.91
C GLN E 272 20.24 -5.80 14.27
N ILE E 273 21.36 -6.11 13.61
CA ILE E 273 21.67 -7.46 13.10
C ILE E 273 21.59 -8.49 14.22
N ARG E 274 22.22 -8.25 15.38
CA ARG E 274 22.20 -9.20 16.49
C ARG E 274 20.79 -9.42 17.03
N ARG E 275 19.99 -8.37 17.18
CA ARG E 275 18.61 -8.51 17.67
C ARG E 275 17.69 -9.20 16.67
N ILE E 276 17.83 -8.94 15.37
CA ILE E 276 17.13 -9.72 14.33
C ILE E 276 17.56 -11.19 14.40
N ALA E 277 18.86 -11.47 14.53
CA ALA E 277 19.39 -12.82 14.62
C ALA E 277 18.83 -13.59 15.84
N ALA E 278 18.69 -12.95 17.00
CA ALA E 278 18.14 -13.59 18.18
C ALA E 278 16.70 -14.09 17.96
N LEU E 279 15.85 -13.27 17.35
CA LEU E 279 14.46 -13.63 17.06
C LEU E 279 14.33 -14.66 15.94
N GLU E 280 15.10 -14.54 14.85
CA GLU E 280 15.07 -15.57 13.80
C GLU E 280 15.59 -16.91 14.32
N ARG E 281 16.66 -16.89 15.11
CA ARG E 281 17.22 -18.11 15.73
C ARG E 281 16.23 -18.73 16.73
N ALA E 282 15.50 -17.93 17.50
CA ALA E 282 14.44 -18.44 18.37
C ALA E 282 13.29 -19.10 17.58
N ALA E 283 12.89 -18.53 16.43
CA ALA E 283 11.96 -19.20 15.53
C ALA E 283 12.50 -20.56 15.04
N VAL E 284 13.75 -20.63 14.59
CA VAL E 284 14.40 -21.88 14.17
C VAL E 284 14.51 -22.90 15.31
N HIS E 285 14.83 -22.45 16.52
CA HIS E 285 14.90 -23.30 17.72
C HIS E 285 13.54 -23.90 18.10
N ALA E 286 12.46 -23.12 18.02
CA ALA E 286 11.10 -23.62 18.24
C ALA E 286 10.57 -24.46 17.07
N LYS E 287 11.02 -24.20 15.83
CA LYS E 287 10.79 -25.08 14.67
C LYS E 287 11.45 -26.46 14.85
N ASN E 288 12.62 -26.49 15.49
CA ASN E 288 13.19 -27.69 16.12
C ASN E 288 12.44 -28.00 17.43
N SER E 311 22.42 -15.68 9.79
CA SER E 311 22.37 -14.21 9.86
C SER E 311 23.62 -13.52 9.31
N PHE E 312 24.73 -14.25 9.16
CA PHE E 312 26.02 -13.68 8.75
C PHE E 312 26.01 -13.13 7.32
N LYS E 313 25.08 -13.56 6.45
CA LYS E 313 24.86 -12.93 5.13
C LYS E 313 24.42 -11.47 5.27
N ARG E 314 23.41 -11.19 6.10
CA ARG E 314 22.99 -9.82 6.44
C ARG E 314 24.11 -9.02 7.10
N GLU E 315 24.88 -9.64 8.00
CA GLU E 315 26.03 -9.00 8.65
C GLU E 315 27.16 -8.66 7.67
N THR E 316 27.36 -9.51 6.66
CA THR E 316 28.29 -9.26 5.54
C THR E 316 27.79 -8.14 4.64
N LYS E 317 26.49 -7.93 4.46
CA LYS E 317 25.98 -6.76 3.71
C LYS E 317 26.38 -5.44 4.37
N VAL E 318 26.37 -5.37 5.71
CA VAL E 318 26.85 -4.17 6.44
C VAL E 318 28.29 -3.87 6.05
N LEU E 319 29.20 -4.85 6.20
CA LEU E 319 30.60 -4.69 5.82
C LEU E 319 30.76 -4.34 4.35
N LYS E 320 30.11 -5.05 3.44
CA LYS E 320 30.23 -4.82 2.00
C LYS E 320 29.76 -3.41 1.63
N THR E 321 28.62 -2.95 2.12
CA THR E 321 28.12 -1.60 1.80
C THR E 321 29.00 -0.51 2.39
N LEU E 322 29.43 -0.61 3.64
CA LEU E 322 30.31 0.41 4.23
C LEU E 322 31.71 0.38 3.63
N SER E 323 32.25 -0.81 3.35
CA SER E 323 33.54 -0.96 2.70
C SER E 323 33.53 -0.44 1.26
N VAL E 324 32.45 -0.58 0.50
CA VAL E 324 32.33 0.15 -0.78
C VAL E 324 32.30 1.65 -0.56
N ILE E 325 31.43 2.15 0.33
CA ILE E 325 31.22 3.59 0.52
C ILE E 325 32.51 4.28 0.94
N MET E 326 33.14 3.82 2.03
CA MET E 326 34.38 4.43 2.51
C MET E 326 35.61 3.99 1.71
N GLY E 327 35.67 2.73 1.30
CA GLY E 327 36.82 2.21 0.58
C GLY E 327 37.01 2.90 -0.77
N VAL E 328 35.96 3.10 -1.56
CA VAL E 328 36.09 3.83 -2.83
C VAL E 328 36.47 5.29 -2.59
N PHE E 329 35.82 5.97 -1.65
CA PHE E 329 36.15 7.35 -1.30
C PHE E 329 37.62 7.54 -0.89
N VAL E 330 38.10 6.74 0.06
CA VAL E 330 39.49 6.80 0.54
C VAL E 330 40.46 6.36 -0.55
N CYS E 331 40.19 5.29 -1.29
CA CYS E 331 41.05 4.82 -2.37
C CYS E 331 41.22 5.87 -3.48
N CYS E 332 40.18 6.62 -3.82
CA CYS E 332 40.31 7.70 -4.79
C CYS E 332 41.03 8.93 -4.24
N TRP E 333 40.63 9.47 -3.06
CA TRP E 333 41.12 10.77 -2.59
C TRP E 333 42.33 10.73 -1.66
N LEU E 334 42.50 9.73 -0.82
CA LEU E 334 43.64 9.69 0.11
C LEU E 334 45.01 9.70 -0.58
N PRO E 335 45.29 8.95 -1.68
CA PRO E 335 46.60 9.03 -2.31
C PRO E 335 46.92 10.42 -2.83
N PHE E 336 45.93 11.16 -3.34
CA PHE E 336 46.14 12.56 -3.67
C PHE E 336 46.41 13.39 -2.42
N PHE E 337 45.51 13.38 -1.44
CA PHE E 337 45.61 14.29 -0.30
C PHE E 337 46.75 14.00 0.65
N ILE E 338 47.36 12.81 0.65
CA ILE E 338 48.65 12.63 1.32
C ILE E 338 49.78 13.31 0.54
N LEU E 339 49.91 13.09 -0.76
CA LEU E 339 50.97 13.72 -1.54
C LEU E 339 50.81 15.24 -1.65
N ASN E 340 49.59 15.75 -1.66
CA ASN E 340 49.32 17.17 -1.64
C ASN E 340 49.86 17.85 -0.37
N CYS E 341 50.04 17.12 0.73
CA CYS E 341 50.78 17.60 1.90
C CYS E 341 52.30 17.44 1.75
N ILE E 342 52.77 16.35 1.12
CA ILE E 342 54.21 16.11 0.93
C ILE E 342 54.86 17.09 -0.04
N LEU E 343 54.31 17.35 -1.22
CA LEU E 343 55.03 18.06 -2.30
C LEU E 343 55.56 19.44 -1.88
N PRO E 344 54.80 20.31 -1.18
CA PRO E 344 55.33 21.58 -0.70
C PRO E 344 56.27 21.44 0.51
N PHE E 345 56.17 20.37 1.29
CA PHE E 345 57.02 20.06 2.44
C PHE E 345 58.37 19.44 2.03
N CYS E 346 58.47 18.88 0.81
CA CYS E 346 59.72 18.45 0.19
C CYS E 346 60.74 19.60 0.10
N CYS E 355 59.10 14.94 -3.45
CA CYS E 355 59.70 13.61 -3.39
C CYS E 355 59.21 12.68 -4.52
N ILE E 356 58.27 13.13 -5.36
CA ILE E 356 57.50 12.31 -6.32
C ILE E 356 57.53 12.92 -7.72
N ASP E 357 57.67 12.06 -8.74
CA ASP E 357 57.68 12.47 -10.15
C ASP E 357 56.30 13.00 -10.61
N SER E 358 56.29 14.13 -11.33
CA SER E 358 55.04 14.80 -11.74
C SER E 358 54.12 13.91 -12.58
N ASN E 359 54.67 13.11 -13.48
CA ASN E 359 53.92 12.16 -14.29
C ASN E 359 53.21 11.09 -13.44
N THR E 360 53.76 10.74 -12.27
CA THR E 360 53.14 9.83 -11.30
C THR E 360 52.12 10.55 -10.43
N PHE E 361 52.41 11.77 -9.95
CA PHE E 361 51.46 12.56 -9.18
C PHE E 361 50.15 12.81 -9.97
N ASP E 362 50.25 13.04 -11.28
CA ASP E 362 49.08 13.17 -12.14
C ASP E 362 48.20 11.91 -12.18
N VAL E 363 48.72 10.71 -11.92
CA VAL E 363 47.87 9.52 -11.78
C VAL E 363 46.95 9.67 -10.58
N PHE E 364 47.47 10.13 -9.45
CA PHE E 364 46.67 10.33 -8.25
C PHE E 364 45.67 11.48 -8.40
N VAL E 365 46.00 12.51 -9.18
CA VAL E 365 45.01 13.54 -9.55
C VAL E 365 43.82 12.91 -10.27
N TRP E 366 44.07 12.06 -11.26
CA TRP E 366 42.96 11.38 -11.93
C TRP E 366 42.22 10.38 -11.02
N PHE E 367 42.89 9.69 -10.10
CA PHE E 367 42.20 8.87 -9.11
C PHE E 367 41.24 9.70 -8.26
N GLY E 368 41.64 10.88 -7.80
CA GLY E 368 40.79 11.77 -7.03
C GLY E 368 39.57 12.20 -7.84
N TRP E 369 39.76 12.74 -9.04
CA TRP E 369 38.62 13.12 -9.88
C TRP E 369 37.76 11.94 -10.31
N ALA E 370 38.25 10.70 -10.37
CA ALA E 370 37.43 9.56 -10.77
C ALA E 370 36.20 9.31 -9.85
N ASN E 371 36.19 9.78 -8.60
CA ASN E 371 34.98 9.72 -7.78
C ASN E 371 33.75 10.34 -8.42
N SER E 372 33.84 11.46 -9.14
CA SER E 372 32.65 12.03 -9.77
C SER E 372 31.98 11.03 -10.72
N SER E 373 32.75 10.12 -11.31
CA SER E 373 32.23 9.02 -12.13
C SER E 373 31.56 7.92 -11.32
N LEU E 374 32.10 7.57 -10.14
CA LEU E 374 31.62 6.47 -9.30
C LEU E 374 30.50 6.86 -8.34
N ASN E 375 30.40 8.13 -7.96
CA ASN E 375 29.43 8.61 -6.99
C ASN E 375 27.97 8.27 -7.33
N PRO E 376 27.49 8.31 -8.59
CA PRO E 376 26.14 7.86 -8.92
C PRO E 376 25.88 6.39 -8.56
N ILE E 377 26.86 5.52 -8.78
CA ILE E 377 26.73 4.08 -8.49
C ILE E 377 26.67 3.80 -6.99
N ILE E 378 27.33 4.63 -6.18
CA ILE E 378 27.35 4.46 -4.72
C ILE E 378 26.12 5.10 -4.06
N TYR E 379 25.74 6.32 -4.47
CA TYR E 379 24.76 7.16 -3.77
C TYR E 379 23.42 7.35 -4.48
N ALA E 380 23.32 7.09 -5.77
CA ALA E 380 22.10 7.27 -6.56
C ALA E 380 21.64 5.96 -7.20
N PHE E 381 21.69 4.86 -6.43
CA PHE E 381 21.39 3.51 -6.96
C PHE E 381 20.42 2.75 -6.06
N ASN E 382 19.54 3.44 -5.33
CA ASN E 382 18.42 2.76 -4.62
C ASN E 382 17.46 2.28 -5.71
N ALA E 383 16.58 1.33 -5.44
CA ALA E 383 15.69 0.70 -6.40
C ALA E 383 14.80 1.73 -7.15
N ASP E 384 14.43 2.83 -6.50
CA ASP E 384 13.69 3.93 -7.13
C ASP E 384 14.52 4.70 -8.18
N PHE E 385 15.81 4.96 -7.91
CA PHE E 385 16.71 5.56 -8.92
C PHE E 385 16.97 4.58 -10.08
N ARG E 386 17.26 3.30 -9.79
CA ARG E 386 17.39 2.27 -10.84
C ARG E 386 16.14 2.17 -11.71
N LYS E 387 14.95 2.23 -11.12
CA LYS E 387 13.67 2.29 -11.86
C LYS E 387 13.59 3.55 -12.73
N ALA E 388 13.88 4.73 -12.19
CA ALA E 388 13.84 5.98 -12.95
C ALA E 388 14.84 5.99 -14.13
N PHE E 389 16.08 5.52 -13.94
CA PHE E 389 17.03 5.32 -15.04
C PHE E 389 16.47 4.34 -16.08
N SER E 390 15.95 3.19 -15.62
CA SER E 390 15.40 2.15 -16.50
C SER E 390 14.26 2.66 -17.37
N THR E 391 13.34 3.45 -16.81
CA THR E 391 12.26 4.10 -17.56
C THR E 391 12.81 5.14 -18.55
N LEU E 392 13.61 6.09 -18.07
CA LEU E 392 14.09 7.24 -18.84
C LEU E 392 14.96 6.82 -20.03
N LEU E 393 15.78 5.78 -19.84
CA LEU E 393 16.74 5.25 -20.80
C LEU E 393 16.20 4.02 -21.58
N GLY E 394 14.94 3.62 -21.37
CA GLY E 394 14.30 2.49 -22.06
C GLY E 394 15.01 1.14 -21.86
N CYS E 395 15.62 0.91 -20.70
CA CYS E 395 16.61 -0.16 -20.47
C CYS E 395 15.99 -1.57 -20.36
N TYR E 396 14.77 -1.68 -19.85
CA TYR E 396 14.04 -2.94 -19.60
C TYR E 396 12.55 -2.80 -19.93
#